data_8DOM
#
_entry.id   8DOM
#
_cell.length_a   55.967
_cell.length_b   128.599
_cell.length_c   128.629
_cell.angle_alpha   90.000
_cell.angle_beta   90.000
_cell.angle_gamma   90.000
#
_symmetry.space_group_name_H-M   'P 2 21 21'
#
loop_
_entity.id
_entity.type
_entity.pdbx_description
1 polymer 'Serine hydroxymethyltransferase'
2 non-polymer 1,2-ETHANEDIOL
3 water water
#
_entity_poly.entity_id   1
_entity_poly.type   'polypeptide(L)'
_entity_poly.pdbx_seq_one_letter_code
;MGSSHHHHHHHSSGLVPRGSHMDPVSVWGNTPLATVDPEIHDLIEKEKRRQCRGIELIASENFTSFAVIEALGSALTNKY
SEGMPGNRYYGGNEYIDQIENLCRSRALQAFHLDAQSWGVNVQPYSGSPANFAAYTAVLNPHDRIMGLDLPSGGHLTHGY
YTSGGKKISATSIYFESLPYKVNSTTGYIDYDRLEEKALDFRPKLIICGGSAYPRDWDYKRFREVADKCGALLLCDMAHT
SGLVAAQEVNSPFEYCDIVTTTTH(LLP)SLRGPRAGMIFYRKGPKPPKKGQPENAVYDFEDKINFAVFPSLQGGPHNHQ
IGALAVALKQAASPGFKAYAKQVKANAVALGKYLMGKGYSLVTGGTENHLVLWDLRPLGLTGYKVEKLCDLCNITVNKNA
VFGDSSALAPGGVRIGAPAMTSRGLVEKDFEQIGEFLHRAVTLTLEIQKEHGKLLKDFNKGLVNNKAIEDLKADVEKFSA
LFDMPGFLVSEMKYKD
;
_entity_poly.pdbx_strand_id   A,B
#
loop_
_chem_comp.id
_chem_comp.type
_chem_comp.name
_chem_comp.formula
EDO non-polymer 1,2-ETHANEDIOL 'C2 H6 O2'
#
# COMPACT_ATOMS: atom_id res chain seq x y z
N HIS A 21 34.94 -2.21 1.63
CA HIS A 21 34.44 -3.50 2.13
C HIS A 21 32.96 -3.44 2.51
N MET A 22 32.16 -4.37 2.00
CA MET A 22 30.76 -4.42 2.39
C MET A 22 30.64 -5.01 3.78
N ASP A 23 29.58 -4.61 4.47
CA ASP A 23 29.23 -5.27 5.71
C ASP A 23 28.95 -6.75 5.46
N PRO A 24 29.45 -7.66 6.30
CA PRO A 24 28.97 -9.04 6.27
C PRO A 24 27.45 -9.09 6.34
N VAL A 25 26.86 -10.07 5.67
CA VAL A 25 25.41 -10.25 5.71
C VAL A 25 24.92 -10.35 7.16
N SER A 26 25.68 -11.03 8.02
CA SER A 26 25.25 -11.19 9.41
C SER A 26 25.13 -9.84 10.11
N VAL A 27 26.05 -8.92 9.82
CA VAL A 27 26.03 -7.61 10.47
C VAL A 27 24.82 -6.80 10.01
N TRP A 28 24.76 -6.44 8.73
CA TRP A 28 23.68 -5.54 8.31
C TRP A 28 22.34 -6.25 8.17
N GLY A 29 22.35 -7.52 7.76
CA GLY A 29 21.15 -8.21 7.29
C GLY A 29 20.46 -9.14 8.27
N ASN A 30 21.20 -9.65 9.25
CA ASN A 30 20.65 -10.57 10.25
C ASN A 30 20.56 -9.99 11.64
N THR A 31 21.14 -8.82 11.89
CA THR A 31 21.14 -8.27 13.23
C THR A 31 19.74 -7.76 13.57
N PRO A 32 19.29 -7.94 14.81
CA PRO A 32 17.95 -7.48 15.19
C PRO A 32 17.80 -5.96 15.15
N LEU A 33 16.54 -5.55 14.99
CA LEU A 33 16.17 -4.13 15.02
C LEU A 33 16.69 -3.42 16.26
N ALA A 34 16.56 -4.05 17.44
CA ALA A 34 16.98 -3.42 18.69
C ALA A 34 18.43 -2.97 18.64
N THR A 35 19.28 -3.70 17.92
CA THR A 35 20.68 -3.29 17.77
C THR A 35 20.88 -2.38 16.56
N VAL A 36 20.25 -2.71 15.43
CA VAL A 36 20.47 -1.95 14.21
C VAL A 36 19.99 -0.51 14.37
N ASP A 37 18.81 -0.32 14.98
CA ASP A 37 18.15 0.98 15.01
C ASP A 37 17.51 1.18 16.37
N PRO A 38 18.31 1.51 17.39
CA PRO A 38 17.74 1.67 18.74
C PRO A 38 16.67 2.76 18.82
N GLU A 39 16.83 3.85 18.07
CA GLU A 39 15.80 4.88 18.06
C GLU A 39 14.45 4.32 17.62
N ILE A 40 14.41 3.66 16.46
CA ILE A 40 13.12 3.17 15.98
C ILE A 40 12.57 2.10 16.91
N HIS A 41 13.44 1.17 17.33
CA HIS A 41 13.01 0.17 18.29
C HIS A 41 12.35 0.81 19.50
N ASP A 42 12.99 1.85 20.05
CA ASP A 42 12.47 2.47 21.25
C ASP A 42 11.11 3.08 21.01
N LEU A 43 10.92 3.70 19.84
CA LEU A 43 9.65 4.31 19.51
C LEU A 43 8.55 3.26 19.36
N ILE A 44 8.87 2.12 18.77
CA ILE A 44 7.88 1.04 18.65
C ILE A 44 7.47 0.53 20.05
N GLU A 45 8.45 0.41 20.96
CA GLU A 45 8.14 -0.03 22.32
C GLU A 45 7.24 0.97 23.05
N LYS A 46 7.52 2.27 22.91
CA LYS A 46 6.64 3.29 23.48
C LYS A 46 5.24 3.22 22.88
N GLU A 47 5.15 3.02 21.55
CA GLU A 47 3.84 2.89 20.92
C GLU A 47 3.11 1.65 21.42
N LYS A 48 3.86 0.56 21.65
CA LYS A 48 3.26 -0.66 22.22
C LYS A 48 2.65 -0.37 23.60
N ARG A 49 3.39 0.35 24.48
CA ARG A 49 2.83 0.71 25.77
C ARG A 49 1.58 1.56 25.59
N ARG A 50 1.68 2.63 24.79
CA ARG A 50 0.53 3.49 24.55
C ARG A 50 -0.69 2.67 24.15
N GLN A 51 -0.50 1.63 23.33
CA GLN A 51 -1.65 0.87 22.83
C GLN A 51 -2.34 0.06 23.92
N CYS A 52 -1.64 -0.35 24.97
CA CYS A 52 -2.31 -1.11 26.01
C CYS A 52 -2.45 -0.36 27.33
N ARG A 53 -2.14 0.94 27.37
CA ARG A 53 -2.27 1.69 28.61
C ARG A 53 -3.39 2.71 28.56
N GLY A 54 -4.14 2.77 27.46
CA GLY A 54 -5.29 3.65 27.37
C GLY A 54 -6.52 2.89 26.93
N ILE A 55 -7.55 3.63 26.55
CA ILE A 55 -8.81 3.07 26.09
C ILE A 55 -8.97 3.51 24.65
N GLU A 56 -8.93 2.55 23.73
CA GLU A 56 -8.99 2.83 22.30
C GLU A 56 -10.44 2.71 21.84
N LEU A 57 -11.07 3.84 21.54
CA LEU A 57 -12.45 3.87 21.07
C LEU A 57 -12.60 4.39 19.64
N ILE A 58 -11.51 4.53 18.87
CA ILE A 58 -11.64 4.90 17.46
C ILE A 58 -12.31 3.73 16.72
N ALA A 59 -13.47 4.00 16.10
CA ALA A 59 -14.28 2.93 15.52
C ALA A 59 -13.57 2.19 14.37
N SER A 60 -12.61 2.80 13.72
CA SER A 60 -11.88 2.12 12.65
C SER A 60 -10.59 1.47 13.13
N GLU A 61 -10.36 1.42 14.44
CA GLU A 61 -9.12 0.88 14.99
C GLU A 61 -9.37 -0.53 15.52
N ASN A 62 -8.36 -1.39 15.40
CA ASN A 62 -8.40 -2.70 16.03
C ASN A 62 -6.99 -3.09 16.46
N PHE A 63 -6.87 -4.26 17.09
CA PHE A 63 -5.59 -4.83 17.47
C PHE A 63 -5.52 -6.22 16.86
N THR A 64 -4.59 -6.42 15.91
CA THR A 64 -4.53 -7.67 15.18
C THR A 64 -3.68 -8.71 15.93
N SER A 65 -3.68 -9.94 15.43
CA SER A 65 -3.06 -11.07 16.10
C SER A 65 -1.56 -11.15 15.80
N PHE A 66 -0.82 -11.80 16.70
CA PHE A 66 0.61 -12.04 16.49
C PHE A 66 0.83 -12.83 15.21
N ALA A 67 -0.04 -13.79 14.94
CA ALA A 67 0.09 -14.61 13.73
C ALA A 67 0.04 -13.75 12.47
N VAL A 68 -0.90 -12.81 12.41
CA VAL A 68 -0.95 -11.86 11.29
C VAL A 68 0.34 -11.05 11.23
N ILE A 69 0.84 -10.62 12.39
CA ILE A 69 2.02 -9.77 12.41
C ILE A 69 3.25 -10.56 11.93
N GLU A 70 3.33 -11.84 12.28
CA GLU A 70 4.47 -12.67 11.85
C GLU A 70 4.48 -12.88 10.34
N ALA A 71 3.31 -13.02 9.72
CA ALA A 71 3.26 -13.12 8.26
C ALA A 71 3.57 -11.78 7.61
N LEU A 72 3.07 -10.69 8.22
CA LEU A 72 3.31 -9.35 7.70
C LEU A 72 4.80 -9.02 7.69
N GLY A 73 5.51 -9.34 8.78
CA GLY A 73 6.93 -9.10 8.78
C GLY A 73 7.68 -10.36 8.41
N SER A 74 7.80 -10.64 7.10
CA SER A 74 8.36 -11.91 6.65
C SER A 74 9.03 -11.75 5.29
N ALA A 75 9.75 -12.79 4.89
CA ALA A 75 10.46 -12.74 3.61
C ALA A 75 9.52 -12.62 2.40
N LEU A 76 8.21 -12.72 2.60
CA LEU A 76 7.27 -12.42 1.51
C LEU A 76 7.46 -11.01 0.93
N THR A 77 8.02 -10.07 1.68
CA THR A 77 8.26 -8.76 1.10
C THR A 77 9.37 -8.77 0.03
N ASN A 78 10.11 -9.86 -0.11
CA ASN A 78 11.23 -9.88 -1.05
C ASN A 78 10.83 -10.28 -2.47
N LYS A 79 9.56 -10.58 -2.75
CA LYS A 79 9.21 -11.18 -4.05
C LYS A 79 8.33 -10.25 -4.87
N TYR A 80 8.77 -9.93 -6.09
CA TYR A 80 7.91 -9.34 -7.09
C TYR A 80 7.01 -10.34 -7.80
N SER A 81 5.71 -10.03 -7.84
CA SER A 81 4.73 -10.93 -8.44
C SER A 81 3.65 -10.15 -9.19
N GLU A 82 4.07 -9.23 -10.06
CA GLU A 82 3.11 -8.54 -10.91
C GLU A 82 2.33 -9.55 -11.75
N GLY A 83 1.03 -9.30 -11.88
CA GLY A 83 0.14 -10.20 -12.56
C GLY A 83 -0.84 -10.84 -11.58
N MET A 84 -1.33 -12.00 -11.97
CA MET A 84 -2.30 -12.81 -11.27
C MET A 84 -1.69 -14.19 -11.08
N PRO A 85 -2.14 -14.96 -10.09
CA PRO A 85 -1.68 -16.35 -9.97
C PRO A 85 -1.83 -17.09 -11.28
N GLY A 86 -0.77 -17.80 -11.67
CA GLY A 86 -0.75 -18.54 -12.92
C GLY A 86 -0.54 -17.69 -14.16
N ASN A 87 -0.47 -16.36 -14.03
CA ASN A 87 -0.27 -15.44 -15.15
CA ASN A 87 -0.24 -15.45 -15.16
C ASN A 87 0.55 -14.25 -14.64
N ARG A 88 1.80 -14.52 -14.29
CA ARG A 88 2.72 -13.56 -13.72
C ARG A 88 3.70 -13.05 -14.78
N TYR A 89 4.23 -11.85 -14.52
CA TYR A 89 5.27 -11.29 -15.37
C TYR A 89 6.56 -12.08 -15.22
N TYR A 90 6.92 -12.42 -13.98
CA TYR A 90 8.20 -13.03 -13.64
C TYR A 90 8.02 -14.49 -13.22
N GLY A 91 9.07 -15.29 -13.39
CA GLY A 91 9.11 -16.62 -12.84
C GLY A 91 9.36 -16.63 -11.33
N GLY A 92 9.57 -17.83 -10.81
CA GLY A 92 9.82 -18.02 -9.38
C GLY A 92 8.64 -17.73 -8.46
N ASN A 93 7.41 -17.79 -8.96
CA ASN A 93 6.24 -17.41 -8.16
C ASN A 93 5.39 -18.61 -7.71
N GLU A 94 5.98 -19.81 -7.67
CA GLU A 94 5.16 -20.98 -7.38
C GLU A 94 4.54 -20.92 -5.99
N TYR A 95 5.24 -20.38 -5.01
CA TYR A 95 4.68 -20.34 -3.67
C TYR A 95 3.87 -19.08 -3.42
N ILE A 96 4.26 -17.95 -4.02
CA ILE A 96 3.42 -16.75 -3.99
C ILE A 96 2.05 -17.05 -4.56
N ASP A 97 2.02 -17.80 -5.68
CA ASP A 97 0.77 -18.19 -6.29
C ASP A 97 -0.11 -18.98 -5.34
N GLN A 98 0.47 -19.95 -4.62
CA GLN A 98 -0.33 -20.74 -3.68
C GLN A 98 -0.86 -19.89 -2.53
N ILE A 99 -0.05 -18.95 -2.05
CA ILE A 99 -0.50 -18.07 -0.97
C ILE A 99 -1.64 -17.17 -1.45
N GLU A 100 -1.52 -16.59 -2.63
CA GLU A 100 -2.60 -15.72 -3.10
C GLU A 100 -3.86 -16.51 -3.41
N ASN A 101 -3.72 -17.68 -4.01
CA ASN A 101 -4.88 -18.53 -4.29
C ASN A 101 -5.59 -18.90 -3.01
N LEU A 102 -4.84 -19.26 -1.98
CA LEU A 102 -5.45 -19.64 -0.73
C LEU A 102 -6.08 -18.42 -0.05
N CYS A 103 -5.43 -17.26 -0.17
CA CYS A 103 -6.01 -16.03 0.34
C CYS A 103 -7.36 -15.75 -0.34
N ARG A 104 -7.43 -15.95 -1.65
CA ARG A 104 -8.67 -15.64 -2.37
C ARG A 104 -9.78 -16.60 -1.99
N SER A 105 -9.47 -17.89 -1.95
CA SER A 105 -10.51 -18.86 -1.60
C SER A 105 -10.95 -18.70 -0.15
N ARG A 106 -10.02 -18.35 0.74
CA ARG A 106 -10.38 -18.04 2.12
C ARG A 106 -11.23 -16.78 2.21
N ALA A 107 -10.96 -15.77 1.38
CA ALA A 107 -11.81 -14.58 1.35
C ALA A 107 -13.25 -14.92 1.01
N LEU A 108 -13.44 -15.78 0.00
CA LEU A 108 -14.78 -16.19 -0.37
C LEU A 108 -15.45 -16.99 0.75
N GLN A 109 -14.71 -17.93 1.36
CA GLN A 109 -15.29 -18.74 2.44
C GLN A 109 -15.71 -17.86 3.60
N ALA A 110 -14.85 -16.92 4.00
CA ALA A 110 -15.14 -16.04 5.13
C ALA A 110 -16.46 -15.29 4.97
N PHE A 111 -16.86 -14.97 3.75
CA PHE A 111 -18.09 -14.23 3.53
C PHE A 111 -19.19 -15.09 2.91
N HIS A 112 -19.03 -16.42 2.97
CA HIS A 112 -20.06 -17.40 2.60
C HIS A 112 -20.49 -17.21 1.15
N LEU A 113 -19.51 -17.03 0.28
CA LEU A 113 -19.73 -16.77 -1.13
C LEU A 113 -19.43 -18.00 -1.96
N ASP A 114 -20.36 -18.35 -2.85
CA ASP A 114 -20.12 -19.37 -3.85
C ASP A 114 -19.10 -18.89 -4.88
N ALA A 115 -18.10 -19.73 -5.17
CA ALA A 115 -17.06 -19.33 -6.12
C ALA A 115 -17.57 -19.18 -7.54
N GLN A 116 -18.70 -19.81 -7.88
CA GLN A 116 -19.27 -19.62 -9.20
C GLN A 116 -20.08 -18.34 -9.33
N SER A 117 -20.40 -17.68 -8.22
CA SER A 117 -21.16 -16.44 -8.26
C SER A 117 -20.33 -15.22 -7.88
N TRP A 118 -19.15 -15.43 -7.29
CA TRP A 118 -18.36 -14.34 -6.73
C TRP A 118 -16.88 -14.62 -6.93
N GLY A 119 -16.13 -13.57 -7.26
CA GLY A 119 -14.68 -13.62 -7.29
C GLY A 119 -14.16 -12.50 -6.40
N VAL A 120 -12.85 -12.53 -6.16
CA VAL A 120 -12.24 -11.52 -5.29
C VAL A 120 -10.83 -11.26 -5.77
N ASN A 121 -10.40 -10.02 -5.63
CA ASN A 121 -9.00 -9.63 -5.87
C ASN A 121 -8.43 -9.12 -4.55
N VAL A 122 -7.28 -9.66 -4.15
CA VAL A 122 -6.74 -9.39 -2.81
C VAL A 122 -5.46 -8.57 -2.86
N GLN A 123 -5.11 -8.02 -4.03
CA GLN A 123 -3.91 -7.18 -4.14
C GLN A 123 -4.04 -5.70 -3.75
N PRO A 124 -5.23 -5.10 -3.54
CA PRO A 124 -5.23 -3.66 -3.23
C PRO A 124 -4.42 -3.37 -1.97
N TYR A 125 -3.61 -2.30 -2.03
CA TYR A 125 -2.69 -2.00 -0.93
C TYR A 125 -3.44 -1.62 0.35
N SER A 126 -4.64 -1.05 0.23
CA SER A 126 -5.41 -0.59 1.37
C SER A 126 -6.86 -0.38 0.91
N GLY A 127 -7.69 0.14 1.83
CA GLY A 127 -9.09 0.40 1.46
C GLY A 127 -9.25 1.39 0.33
N SER A 128 -8.62 2.57 0.44
CA SER A 128 -8.77 3.57 -0.60
C SER A 128 -8.24 3.10 -1.95
N PRO A 129 -7.11 2.38 -2.04
CA PRO A 129 -6.72 1.83 -3.35
C PRO A 129 -7.72 0.84 -3.91
N ALA A 130 -8.38 0.06 -3.03
CA ALA A 130 -9.41 -0.86 -3.51
C ALA A 130 -10.59 -0.12 -4.13
N ASN A 131 -11.06 0.96 -3.49
CA ASN A 131 -12.19 1.69 -4.08
C ASN A 131 -11.80 2.32 -5.41
N PHE A 132 -10.64 2.97 -5.46
CA PHE A 132 -10.30 3.67 -6.69
C PHE A 132 -10.07 2.69 -7.84
N ALA A 133 -9.56 1.49 -7.54
CA ALA A 133 -9.44 0.47 -8.58
C ALA A 133 -10.81 -0.02 -9.04
N ALA A 134 -11.74 -0.26 -8.11
CA ALA A 134 -13.09 -0.64 -8.51
C ALA A 134 -13.69 0.41 -9.45
N TYR A 135 -13.58 1.70 -9.09
CA TYR A 135 -14.16 2.73 -9.96
C TYR A 135 -13.50 2.69 -11.33
N THR A 136 -12.17 2.59 -11.33
CA THR A 136 -11.44 2.59 -12.59
C THR A 136 -11.89 1.43 -13.45
N ALA A 137 -12.23 0.30 -12.80
CA ALA A 137 -12.62 -0.89 -13.57
C ALA A 137 -13.94 -0.70 -14.30
N VAL A 138 -14.96 -0.09 -13.65
CA VAL A 138 -16.32 -0.06 -14.19
C VAL A 138 -16.75 1.30 -14.72
N LEU A 139 -15.99 2.37 -14.48
CA LEU A 139 -16.33 3.72 -14.91
C LEU A 139 -15.25 4.29 -15.80
N ASN A 140 -15.67 5.17 -16.71
CA ASN A 140 -14.80 6.07 -17.45
C ASN A 140 -14.60 7.36 -16.66
N PRO A 141 -13.51 8.07 -16.92
CA PRO A 141 -13.32 9.39 -16.31
C PRO A 141 -14.55 10.26 -16.51
N HIS A 142 -14.89 11.04 -15.48
CA HIS A 142 -16.04 11.91 -15.36
C HIS A 142 -17.38 11.19 -15.28
N ASP A 143 -17.42 9.85 -15.19
CA ASP A 143 -18.69 9.20 -14.93
C ASP A 143 -19.23 9.63 -13.56
N ARG A 144 -20.55 9.61 -13.42
CA ARG A 144 -21.23 10.06 -12.21
C ARG A 144 -21.31 9.00 -11.13
N ILE A 145 -21.08 9.40 -9.88
CA ILE A 145 -21.07 8.52 -8.72
C ILE A 145 -21.91 9.16 -7.61
N MET A 146 -22.76 8.42 -6.93
CA MET A 146 -23.20 8.93 -5.63
C MET A 146 -22.80 8.03 -4.46
N GLY A 147 -22.53 8.70 -3.34
CA GLY A 147 -22.11 8.07 -2.10
C GLY A 147 -22.59 8.91 -0.93
N LEU A 148 -22.62 8.27 0.25
CA LEU A 148 -23.08 8.92 1.48
C LEU A 148 -22.23 10.16 1.77
N ASP A 149 -22.91 11.29 1.95
CA ASP A 149 -22.23 12.55 2.27
C ASP A 149 -21.30 12.40 3.47
N LEU A 150 -20.12 13.02 3.38
CA LEU A 150 -19.14 12.99 4.46
C LEU A 150 -19.71 13.40 5.82
N PRO A 151 -20.34 14.57 5.98
CA PRO A 151 -20.95 14.90 7.29
C PRO A 151 -22.14 14.03 7.67
N SER A 152 -22.64 13.18 6.77
CA SER A 152 -23.65 12.19 7.13
C SER A 152 -23.04 10.86 7.51
N GLY A 153 -21.71 10.76 7.59
CA GLY A 153 -21.04 9.51 7.90
C GLY A 153 -20.44 8.77 6.73
N GLY A 154 -20.26 9.41 5.57
CA GLY A 154 -19.61 8.77 4.45
C GLY A 154 -18.09 8.79 4.59
N HIS A 155 -17.42 8.20 3.61
CA HIS A 155 -15.97 8.20 3.57
C HIS A 155 -15.49 9.06 2.41
N LEU A 156 -14.30 9.67 2.59
CA LEU A 156 -13.64 10.46 1.55
C LEU A 156 -13.67 9.80 0.17
N THR A 157 -13.36 8.51 0.11
CA THR A 157 -13.24 7.85 -1.19
C THR A 157 -14.57 7.69 -1.92
N HIS A 158 -15.68 8.08 -1.28
CA HIS A 158 -16.98 8.04 -1.92
C HIS A 158 -17.34 9.34 -2.62
N GLY A 159 -16.43 10.32 -2.60
CA GLY A 159 -16.74 11.63 -3.20
C GLY A 159 -16.74 12.70 -2.13
N TYR A 160 -16.01 13.78 -2.39
CA TYR A 160 -16.07 14.92 -1.50
C TYR A 160 -15.59 16.16 -2.21
N TYR A 161 -16.46 17.17 -2.32
CA TYR A 161 -16.04 18.51 -2.71
C TYR A 161 -16.59 19.50 -1.69
N THR A 162 -15.92 20.65 -1.58
CA THR A 162 -16.25 21.67 -0.60
C THR A 162 -17.37 22.60 -1.12
N SER A 163 -17.80 23.54 -0.27
CA SER A 163 -18.83 24.50 -0.66
C SER A 163 -18.39 25.35 -1.82
N GLY A 164 -17.09 25.65 -1.91
CA GLY A 164 -16.53 26.46 -2.97
C GLY A 164 -16.29 25.73 -4.28
N GLY A 165 -16.79 24.50 -4.39
CA GLY A 165 -16.54 23.70 -5.57
C GLY A 165 -15.20 23.01 -5.60
N LYS A 166 -14.39 23.11 -4.55
CA LYS A 166 -13.07 22.48 -4.53
C LYS A 166 -13.18 20.97 -4.43
N LYS A 167 -12.61 20.26 -5.40
CA LYS A 167 -12.65 18.81 -5.45
C LYS A 167 -11.53 18.26 -4.55
N ILE A 168 -11.91 17.63 -3.43
CA ILE A 168 -10.96 17.11 -2.45
C ILE A 168 -10.62 15.66 -2.74
N SER A 169 -11.61 14.77 -2.65
CA SER A 169 -11.38 13.37 -2.97
C SER A 169 -10.97 13.17 -4.42
N ALA A 170 -9.96 12.32 -4.64
CA ALA A 170 -9.66 11.88 -5.99
C ALA A 170 -10.91 11.40 -6.71
N THR A 171 -11.86 10.84 -5.95
CA THR A 171 -13.10 10.37 -6.54
C THR A 171 -13.87 11.53 -7.17
N SER A 172 -13.81 12.71 -6.56
CA SER A 172 -14.45 13.89 -7.13
C SER A 172 -13.55 14.60 -8.13
N ILE A 173 -12.25 14.33 -8.12
CA ILE A 173 -11.34 14.92 -9.10
C ILE A 173 -11.50 14.23 -10.45
N TYR A 174 -11.48 12.89 -10.46
CA TYR A 174 -11.49 12.10 -11.68
C TYR A 174 -12.88 11.64 -12.10
N PHE A 175 -13.88 11.73 -11.21
CA PHE A 175 -15.26 11.39 -11.50
C PHE A 175 -16.14 12.55 -11.06
N GLU A 176 -17.45 12.43 -11.33
CA GLU A 176 -18.43 13.45 -10.99
C GLU A 176 -19.30 12.91 -9.87
N SER A 177 -19.09 13.39 -8.65
CA SER A 177 -19.82 12.82 -7.53
C SER A 177 -20.93 13.77 -7.08
N LEU A 178 -21.95 13.18 -6.46
CA LEU A 178 -23.02 13.85 -5.77
C LEU A 178 -23.39 13.06 -4.52
N PRO A 179 -23.39 13.67 -3.34
CA PRO A 179 -23.67 12.92 -2.12
C PRO A 179 -25.16 12.83 -1.82
N TYR A 180 -25.53 11.77 -1.09
CA TYR A 180 -26.86 11.69 -0.47
C TYR A 180 -26.70 11.69 1.04
N LYS A 181 -27.75 12.06 1.76
CA LYS A 181 -27.61 12.42 3.16
C LYS A 181 -28.52 11.58 4.05
N VAL A 182 -28.24 11.64 5.37
CA VAL A 182 -29.21 11.17 6.35
C VAL A 182 -30.32 12.20 6.51
N ASN A 183 -31.47 11.73 6.97
CA ASN A 183 -32.55 12.60 7.39
C ASN A 183 -32.05 13.46 8.57
N SER A 184 -32.24 14.77 8.49
CA SER A 184 -31.66 15.66 9.50
C SER A 184 -32.36 15.57 10.85
N THR A 185 -33.51 14.92 10.94
CA THR A 185 -34.18 14.79 12.24
C THR A 185 -34.09 13.39 12.82
N THR A 186 -34.05 12.34 12.01
CA THR A 186 -34.01 10.98 12.53
C THR A 186 -32.61 10.37 12.55
N GLY A 187 -31.70 10.85 11.71
CA GLY A 187 -30.35 10.30 11.60
C GLY A 187 -30.22 9.08 10.73
N TYR A 188 -31.33 8.53 10.26
CA TYR A 188 -31.31 7.41 9.31
C TYR A 188 -31.14 7.93 7.89
N ILE A 189 -30.53 7.11 7.03
CA ILE A 189 -30.42 7.44 5.62
C ILE A 189 -31.79 7.82 5.08
N ASP A 190 -31.82 8.88 4.26
CA ASP A 190 -33.09 9.32 3.68
C ASP A 190 -33.25 8.58 2.36
N TYR A 191 -34.00 7.47 2.39
CA TYR A 191 -34.05 6.65 1.18
C TYR A 191 -34.90 7.33 0.10
N ASP A 192 -35.86 8.17 0.50
CA ASP A 192 -36.68 8.88 -0.47
C ASP A 192 -35.86 9.94 -1.19
N ARG A 193 -35.08 10.73 -0.45
CA ARG A 193 -34.27 11.75 -1.10
C ARG A 193 -33.16 11.10 -1.92
N LEU A 194 -32.66 9.95 -1.47
CA LEU A 194 -31.70 9.19 -2.26
C LEU A 194 -32.27 8.82 -3.62
N GLU A 195 -33.47 8.25 -3.64
CA GLU A 195 -34.08 7.87 -4.91
C GLU A 195 -34.27 9.08 -5.82
N GLU A 196 -34.77 10.19 -5.26
CA GLU A 196 -35.04 11.39 -6.08
C GLU A 196 -33.74 11.96 -6.67
N LYS A 197 -32.68 12.02 -5.88
CA LYS A 197 -31.39 12.49 -6.39
C LYS A 197 -30.89 11.58 -7.49
N ALA A 198 -30.96 10.25 -7.26
CA ALA A 198 -30.47 9.30 -8.24
C ALA A 198 -31.24 9.39 -9.55
N LEU A 199 -32.53 9.71 -9.49
CA LEU A 199 -33.28 9.86 -10.72
C LEU A 199 -32.96 11.17 -11.42
N ASP A 200 -32.61 12.23 -10.69
CA ASP A 200 -32.26 13.49 -11.34
C ASP A 200 -30.86 13.40 -11.96
N PHE A 201 -29.89 12.93 -11.18
CA PHE A 201 -28.46 12.96 -11.45
C PHE A 201 -28.03 11.85 -12.42
N ARG A 202 -28.69 10.69 -12.35
CA ARG A 202 -28.41 9.50 -13.15
C ARG A 202 -26.96 9.02 -12.98
N PRO A 203 -26.56 8.65 -11.78
CA PRO A 203 -25.19 8.13 -11.60
C PRO A 203 -24.97 6.81 -12.31
N LYS A 204 -23.75 6.61 -12.81
CA LYS A 204 -23.42 5.29 -13.30
C LYS A 204 -23.15 4.33 -12.14
N LEU A 205 -22.78 4.85 -10.97
CA LEU A 205 -22.45 4.02 -9.80
C LEU A 205 -23.03 4.63 -8.52
N ILE A 206 -23.73 3.82 -7.74
CA ILE A 206 -24.17 4.22 -6.40
C ILE A 206 -23.37 3.40 -5.38
N ILE A 207 -22.75 4.12 -4.43
CA ILE A 207 -22.00 3.53 -3.33
C ILE A 207 -22.86 3.53 -2.08
N CYS A 208 -22.86 2.42 -1.35
CA CYS A 208 -23.42 2.36 -0.02
C CYS A 208 -22.37 1.82 0.94
N GLY A 209 -22.67 1.90 2.23
CA GLY A 209 -21.66 1.71 3.26
C GLY A 209 -21.01 3.03 3.65
N GLY A 210 -20.47 3.07 4.84
CA GLY A 210 -19.97 4.32 5.36
C GLY A 210 -19.07 4.11 6.55
N SER A 211 -18.65 5.24 7.14
CA SER A 211 -17.66 5.25 8.21
C SER A 211 -18.24 5.61 9.56
N ALA A 212 -19.28 6.44 9.63
CA ALA A 212 -19.81 6.84 10.92
C ALA A 212 -21.31 6.74 10.94
N TYR A 213 -21.86 5.65 10.42
CA TYR A 213 -23.30 5.44 10.44
C TYR A 213 -23.62 4.35 11.46
N PRO A 214 -24.51 4.60 12.42
CA PRO A 214 -24.70 3.65 13.54
C PRO A 214 -25.81 2.61 13.33
N ARG A 215 -26.30 2.45 12.10
CA ARG A 215 -27.37 1.50 11.85
C ARG A 215 -27.00 0.60 10.69
N ASP A 216 -27.81 -0.43 10.47
CA ASP A 216 -27.61 -1.28 9.31
C ASP A 216 -28.10 -0.57 8.06
N TRP A 217 -27.74 -1.14 6.91
CA TRP A 217 -28.07 -0.61 5.60
C TRP A 217 -29.13 -1.49 4.95
N ASP A 218 -30.10 -0.86 4.28
CA ASP A 218 -31.13 -1.59 3.55
C ASP A 218 -30.64 -1.74 2.11
N TYR A 219 -29.82 -2.78 1.89
CA TYR A 219 -29.28 -3.01 0.56
C TYR A 219 -30.39 -3.31 -0.44
N LYS A 220 -31.43 -4.02 0.01
CA LYS A 220 -32.57 -4.29 -0.85
C LYS A 220 -33.15 -3.01 -1.44
N ARG A 221 -33.27 -1.96 -0.62
CA ARG A 221 -33.78 -0.69 -1.14
C ARG A 221 -32.76 -0.03 -2.06
N PHE A 222 -31.47 -0.09 -1.73
CA PHE A 222 -30.47 0.46 -2.66
C PHE A 222 -30.53 -0.24 -4.01
N ARG A 223 -30.72 -1.55 -4.01
CA ARG A 223 -30.87 -2.29 -5.25
C ARG A 223 -32.08 -1.81 -6.04
N GLU A 224 -33.22 -1.59 -5.36
CA GLU A 224 -34.38 -1.05 -6.08
C GLU A 224 -34.06 0.31 -6.72
N VAL A 225 -33.37 1.18 -6.00
CA VAL A 225 -33.03 2.51 -6.53
C VAL A 225 -32.08 2.37 -7.71
N ALA A 226 -31.03 1.56 -7.55
CA ALA A 226 -30.08 1.32 -8.63
C ALA A 226 -30.75 0.72 -9.86
N ASP A 227 -31.67 -0.23 -9.66
CA ASP A 227 -32.40 -0.77 -10.80
C ASP A 227 -33.27 0.30 -11.44
N LYS A 228 -33.88 1.18 -10.63
CA LYS A 228 -34.77 2.20 -11.18
C LYS A 228 -34.02 3.22 -12.03
N CYS A 229 -32.80 3.58 -11.63
CA CYS A 229 -32.06 4.60 -12.38
C CYS A 229 -31.01 4.00 -13.29
N GLY A 230 -30.82 2.68 -13.30
CA GLY A 230 -29.84 2.07 -14.18
C GLY A 230 -28.40 2.13 -13.70
N ALA A 231 -28.16 2.16 -12.40
CA ALA A 231 -26.82 2.30 -11.84
C ALA A 231 -26.25 0.95 -11.42
N LEU A 232 -24.92 0.86 -11.45
CA LEU A 232 -24.22 -0.16 -10.68
C LEU A 232 -24.34 0.15 -9.19
N LEU A 233 -24.31 -0.90 -8.38
CA LEU A 233 -24.40 -0.75 -6.92
C LEU A 233 -23.19 -1.40 -6.28
N LEU A 234 -22.42 -0.59 -5.54
CA LEU A 234 -21.25 -1.06 -4.82
C LEU A 234 -21.45 -0.80 -3.34
N CYS A 235 -21.14 -1.79 -2.50
CA CYS A 235 -21.06 -1.57 -1.06
C CYS A 235 -19.59 -1.52 -0.62
N ASP A 236 -19.23 -0.47 0.11
CA ASP A 236 -17.93 -0.37 0.78
C ASP A 236 -18.14 -0.77 2.26
N MET A 237 -17.86 -2.04 2.59
CA MET A 237 -18.09 -2.51 3.96
C MET A 237 -16.87 -2.41 4.90
N ALA A 238 -15.90 -1.52 4.62
CA ALA A 238 -14.72 -1.44 5.47
C ALA A 238 -15.04 -1.50 6.97
N HIS A 239 -15.99 -0.69 7.44
CA HIS A 239 -16.17 -0.58 8.88
C HIS A 239 -16.77 -1.82 9.50
N THR A 240 -17.57 -2.58 8.74
CA THR A 240 -18.37 -3.63 9.34
C THR A 240 -18.08 -5.00 8.75
N SER A 241 -17.03 -5.13 7.93
CA SER A 241 -16.72 -6.39 7.26
C SER A 241 -16.64 -7.56 8.24
N GLY A 242 -16.08 -7.32 9.44
CA GLY A 242 -16.06 -8.39 10.44
C GLY A 242 -17.45 -8.83 10.85
N LEU A 243 -18.37 -7.87 11.00
CA LEU A 243 -19.75 -8.23 11.32
C LEU A 243 -20.43 -8.94 10.15
N VAL A 244 -20.09 -8.56 8.92
CA VAL A 244 -20.61 -9.24 7.74
C VAL A 244 -20.13 -10.68 7.71
N ALA A 245 -18.83 -10.90 7.91
CA ALA A 245 -18.30 -12.26 7.92
C ALA A 245 -19.02 -13.13 8.94
N ALA A 246 -19.26 -12.61 10.13
CA ALA A 246 -19.93 -13.38 11.17
C ALA A 246 -21.44 -13.44 10.99
N GLN A 247 -21.97 -12.85 9.91
CA GLN A 247 -23.41 -12.79 9.64
C GLN A 247 -24.17 -12.14 10.80
N GLU A 248 -23.60 -11.06 11.35
CA GLU A 248 -24.24 -10.29 12.40
C GLU A 248 -24.91 -9.00 11.90
N VAL A 249 -24.68 -8.62 10.63
CA VAL A 249 -25.42 -7.54 9.99
C VAL A 249 -25.88 -8.04 8.62
N ASN A 250 -26.65 -7.20 7.92
CA ASN A 250 -27.12 -7.53 6.58
C ASN A 250 -25.92 -7.76 5.65
N SER A 251 -26.02 -8.76 4.79
CA SER A 251 -24.98 -9.04 3.82
C SER A 251 -25.16 -8.16 2.57
N PRO A 252 -24.19 -7.31 2.24
CA PRO A 252 -24.29 -6.56 0.96
C PRO A 252 -24.23 -7.47 -0.25
N PHE A 253 -23.71 -8.68 -0.10
CA PHE A 253 -23.53 -9.57 -1.23
C PHE A 253 -24.86 -9.98 -1.85
N GLU A 254 -25.95 -10.04 -1.05
CA GLU A 254 -27.22 -10.45 -1.63
C GLU A 254 -27.75 -9.45 -2.66
N TYR A 255 -27.30 -8.18 -2.63
CA TYR A 255 -27.89 -7.17 -3.50
C TYR A 255 -26.90 -6.33 -4.31
N CYS A 256 -25.61 -6.34 -4.00
CA CYS A 256 -24.67 -5.44 -4.64
C CYS A 256 -23.90 -6.15 -5.75
N ASP A 257 -23.47 -5.36 -6.75
CA ASP A 257 -22.66 -5.91 -7.84
C ASP A 257 -21.22 -6.12 -7.40
N ILE A 258 -20.69 -5.18 -6.63
CA ILE A 258 -19.29 -5.14 -6.20
C ILE A 258 -19.29 -4.81 -4.71
N VAL A 259 -18.38 -5.44 -3.96
CA VAL A 259 -18.20 -5.15 -2.54
C VAL A 259 -16.72 -4.90 -2.31
N THR A 260 -16.38 -3.71 -1.83
CA THR A 260 -15.01 -3.42 -1.43
C THR A 260 -14.91 -3.36 0.08
N THR A 261 -13.68 -3.48 0.58
CA THR A 261 -13.46 -3.45 2.01
C THR A 261 -11.97 -3.29 2.29
N THR A 262 -11.68 -2.73 3.46
CA THR A 262 -10.40 -2.89 4.10
C THR A 262 -10.30 -4.29 4.71
N THR A 263 -9.13 -4.63 5.19
CA THR A 263 -8.98 -5.91 5.86
C THR A 263 -8.60 -5.74 7.32
N HIS A 264 -8.34 -4.52 7.75
CA HIS A 264 -8.17 -4.22 9.14
C HIS A 264 -9.56 -3.83 9.70
N1 LLP A 265 -13.89 3.15 3.00
C2 LLP A 265 -14.38 3.15 4.22
C2' LLP A 265 -15.92 3.12 4.49
C3 LLP A 265 -13.50 3.21 5.31
O3 LLP A 265 -14.09 3.23 6.56
C4 LLP A 265 -12.12 3.23 5.14
C4' LLP A 265 -11.22 3.28 6.47
C5 LLP A 265 -11.61 3.23 3.86
C6 LLP A 265 -12.51 3.18 2.79
C5' LLP A 265 -10.09 3.28 3.46
OP4 LLP A 265 -9.20 2.48 4.21
P LLP A 265 -7.69 2.85 4.13
OP1 LLP A 265 -7.41 3.86 5.25
OP2 LLP A 265 -6.89 1.61 4.32
OP3 LLP A 265 -7.42 3.48 2.78
N LLP A 265 -9.63 -2.83 10.57
CA LLP A 265 -10.92 -2.44 11.21
CB LLP A 265 -11.82 -1.70 10.22
CG LLP A 265 -10.97 -0.58 9.57
CD LLP A 265 -11.83 0.38 8.72
CE LLP A 265 -11.06 1.68 8.35
NZ LLP A 265 -11.90 2.49 7.44
C LLP A 265 -11.58 -3.65 11.80
O LLP A 265 -10.89 -4.41 12.47
N SER A 266 -12.88 -3.88 11.60
CA SER A 266 -13.57 -4.94 12.38
C SER A 266 -13.21 -6.36 11.89
N LEU A 267 -12.56 -6.48 10.74
CA LEU A 267 -12.08 -7.77 10.25
C LEU A 267 -10.80 -8.23 10.96
N ARG A 268 -10.06 -7.31 11.59
CA ARG A 268 -8.97 -7.61 12.50
C ARG A 268 -7.74 -8.19 11.78
N GLY A 269 -7.60 -7.89 10.50
CA GLY A 269 -6.46 -8.35 9.75
C GLY A 269 -5.38 -7.29 9.57
N PRO A 270 -4.49 -7.52 8.60
CA PRO A 270 -3.50 -6.49 8.26
C PRO A 270 -4.18 -5.34 7.54
N ARG A 271 -3.41 -4.29 7.31
CA ARG A 271 -3.89 -3.18 6.48
C ARG A 271 -3.75 -3.55 5.01
N ALA A 272 -4.90 -3.76 4.37
CA ALA A 272 -4.98 -4.14 2.95
C ALA A 272 -6.41 -3.86 2.51
N GLY A 273 -6.67 -4.13 1.22
CA GLY A 273 -7.99 -4.00 0.67
C GLY A 273 -8.31 -5.22 -0.16
N MET A 274 -9.61 -5.39 -0.45
CA MET A 274 -10.14 -6.49 -1.24
C MET A 274 -11.24 -5.92 -2.13
N ILE A 275 -11.43 -6.51 -3.31
CA ILE A 275 -12.55 -6.20 -4.21
C ILE A 275 -13.27 -7.49 -4.57
N PHE A 276 -14.49 -7.65 -4.07
CA PHE A 276 -15.40 -8.73 -4.45
C PHE A 276 -16.26 -8.30 -5.63
N TYR A 277 -16.56 -9.24 -6.52
CA TYR A 277 -17.36 -8.93 -7.70
C TYR A 277 -18.17 -10.16 -8.10
N ARG A 278 -19.35 -9.92 -8.66
CA ARG A 278 -20.19 -11.02 -9.10
C ARG A 278 -19.60 -11.67 -10.35
N LYS A 279 -19.86 -12.99 -10.46
CA LYS A 279 -19.50 -13.84 -11.59
C LYS A 279 -20.74 -14.62 -12.03
N GLY A 280 -20.66 -15.20 -13.23
CA GLY A 280 -21.69 -16.12 -13.66
C GLY A 280 -22.89 -15.43 -14.27
N PRO A 281 -24.01 -16.14 -14.40
CA PRO A 281 -25.16 -15.59 -15.13
C PRO A 281 -25.85 -14.49 -14.33
N LYS A 282 -26.29 -13.45 -15.04
CA LYS A 282 -27.02 -12.38 -14.39
C LYS A 282 -28.46 -12.79 -14.07
N PRO A 283 -29.06 -12.20 -13.05
CA PRO A 283 -30.48 -12.44 -12.79
C PRO A 283 -31.33 -11.74 -13.83
N PRO A 284 -32.55 -12.23 -14.07
CA PRO A 284 -33.40 -11.64 -15.13
C PRO A 284 -33.75 -10.19 -14.84
N LYS A 285 -33.38 -9.30 -15.76
CA LYS A 285 -33.54 -7.86 -15.54
C LYS A 285 -33.38 -7.07 -16.84
N GLU A 290 -31.93 -13.66 -21.77
CA GLU A 290 -30.86 -13.12 -22.59
C GLU A 290 -29.59 -13.98 -22.43
N ASN A 291 -29.54 -14.76 -21.33
CA ASN A 291 -28.42 -15.65 -21.03
C ASN A 291 -27.10 -14.90 -20.83
N ALA A 292 -27.18 -13.63 -20.47
CA ALA A 292 -25.97 -12.83 -20.28
C ALA A 292 -25.31 -13.15 -18.95
N VAL A 293 -24.00 -12.88 -18.89
CA VAL A 293 -23.21 -13.15 -17.70
C VAL A 293 -22.58 -11.84 -17.24
N TYR A 294 -22.15 -11.86 -15.98
CA TYR A 294 -21.42 -10.74 -15.41
C TYR A 294 -20.06 -10.60 -16.09
N ASP A 295 -19.54 -9.39 -16.09
CA ASP A 295 -18.40 -9.01 -16.92
C ASP A 295 -17.39 -8.20 -16.09
N PHE A 296 -17.42 -8.36 -14.77
CA PHE A 296 -16.60 -7.57 -13.87
C PHE A 296 -15.20 -8.14 -13.66
N GLU A 297 -15.06 -9.48 -13.67
CA GLU A 297 -13.84 -10.12 -13.16
C GLU A 297 -12.58 -9.58 -13.85
N ASP A 298 -12.54 -9.66 -15.18
CA ASP A 298 -11.35 -9.25 -15.92
C ASP A 298 -11.07 -7.76 -15.78
N LYS A 299 -12.12 -6.93 -15.81
CA LYS A 299 -11.95 -5.49 -15.67
C LYS A 299 -11.39 -5.12 -14.30
N ILE A 300 -11.90 -5.75 -13.25
CA ILE A 300 -11.41 -5.49 -11.91
C ILE A 300 -9.95 -5.87 -11.80
N ASN A 301 -9.62 -7.11 -12.16
CA ASN A 301 -8.24 -7.56 -12.10
C ASN A 301 -7.33 -6.63 -12.89
N PHE A 302 -7.77 -6.23 -14.08
CA PHE A 302 -6.93 -5.40 -14.93
C PHE A 302 -6.74 -4.01 -14.34
N ALA A 303 -7.77 -3.46 -13.70
CA ALA A 303 -7.66 -2.16 -13.07
C ALA A 303 -6.61 -2.18 -11.95
N VAL A 304 -6.68 -3.17 -11.07
CA VAL A 304 -5.65 -3.31 -10.04
C VAL A 304 -4.28 -3.42 -10.68
N PHE A 305 -4.13 -4.33 -11.64
CA PHE A 305 -2.85 -4.48 -12.36
C PHE A 305 -3.15 -4.97 -13.76
N PRO A 306 -2.59 -4.35 -14.81
CA PRO A 306 -1.51 -3.35 -14.78
C PRO A 306 -1.90 -1.85 -14.64
N SER A 307 -3.19 -1.51 -14.51
CA SER A 307 -3.55 -0.10 -14.68
C SER A 307 -3.02 0.75 -13.52
N LEU A 308 -3.24 0.31 -12.29
CA LEU A 308 -3.01 1.20 -11.15
C LEU A 308 -1.85 0.81 -10.25
N GLN A 309 -1.66 -0.45 -9.91
CA GLN A 309 -0.65 -0.83 -8.93
C GLN A 309 0.57 -1.45 -9.60
N GLY A 310 1.63 -1.61 -8.82
CA GLY A 310 2.77 -2.35 -9.28
C GLY A 310 2.76 -3.72 -8.66
N GLY A 311 3.90 -4.14 -8.13
CA GLY A 311 4.00 -5.39 -7.44
C GLY A 311 3.08 -5.43 -6.25
N PRO A 312 2.36 -6.53 -6.07
CA PRO A 312 1.58 -6.70 -4.84
C PRO A 312 2.49 -6.87 -3.64
N HIS A 313 1.92 -6.57 -2.47
CA HIS A 313 2.67 -6.69 -1.22
C HIS A 313 2.37 -8.07 -0.67
N ASN A 314 3.23 -9.03 -1.00
CA ASN A 314 2.89 -10.42 -0.68
C ASN A 314 2.86 -10.69 0.81
N HIS A 315 3.59 -9.91 1.60
CA HIS A 315 3.53 -10.09 3.05
C HIS A 315 2.16 -9.71 3.59
N GLN A 316 1.51 -8.69 2.98
CA GLN A 316 0.15 -8.32 3.33
C GLN A 316 -0.82 -9.42 2.91
N ILE A 317 -0.62 -9.97 1.72
CA ILE A 317 -1.50 -11.03 1.24
C ILE A 317 -1.37 -12.28 2.12
N GLY A 318 -0.15 -12.61 2.53
CA GLY A 318 0.01 -13.72 3.47
C GLY A 318 -0.66 -13.45 4.79
N ALA A 319 -0.39 -12.27 5.37
CA ALA A 319 -1.03 -11.90 6.63
C ALA A 319 -2.54 -11.86 6.47
N LEU A 320 -3.02 -11.36 5.32
CA LEU A 320 -4.46 -11.32 5.07
C LEU A 320 -5.05 -12.72 5.06
N ALA A 321 -4.36 -13.67 4.40
CA ALA A 321 -4.83 -15.04 4.37
C ALA A 321 -4.94 -15.62 5.78
N VAL A 322 -4.01 -15.27 6.66
CA VAL A 322 -4.08 -15.67 8.07
C VAL A 322 -5.32 -15.08 8.72
N ALA A 323 -5.51 -13.78 8.53
CA ALA A 323 -6.65 -13.11 9.15
C ALA A 323 -7.96 -13.73 8.70
N LEU A 324 -8.03 -14.17 7.43
CA LEU A 324 -9.30 -14.67 6.90
C LEU A 324 -9.63 -16.06 7.41
N LYS A 325 -8.62 -16.92 7.62
CA LYS A 325 -8.87 -18.15 8.36
C LYS A 325 -9.36 -17.84 9.76
N GLN A 326 -8.71 -16.88 10.44
CA GLN A 326 -9.16 -16.52 11.78
C GLN A 326 -10.59 -15.98 11.76
N ALA A 327 -10.97 -15.25 10.70
CA ALA A 327 -12.32 -14.69 10.63
C ALA A 327 -13.39 -15.75 10.37
N ALA A 328 -13.00 -16.95 9.92
CA ALA A 328 -13.96 -18.03 9.77
C ALA A 328 -14.08 -18.90 11.02
N SER A 329 -13.48 -18.52 12.12
CA SER A 329 -13.50 -19.42 13.28
C SER A 329 -14.71 -19.14 14.16
N PRO A 330 -15.17 -20.13 14.95
CA PRO A 330 -16.28 -19.84 15.87
C PRO A 330 -15.95 -18.73 16.84
N GLY A 331 -14.68 -18.66 17.29
CA GLY A 331 -14.28 -17.55 18.15
C GLY A 331 -14.51 -16.19 17.52
N PHE A 332 -14.26 -16.06 16.21
CA PHE A 332 -14.46 -14.76 15.58
C PHE A 332 -15.93 -14.42 15.49
N LYS A 333 -16.79 -15.40 15.21
CA LYS A 333 -18.22 -15.11 15.25
C LYS A 333 -18.64 -14.61 16.63
N ALA A 334 -18.12 -15.24 17.69
CA ALA A 334 -18.41 -14.78 19.05
C ALA A 334 -17.83 -13.39 19.33
N TYR A 335 -16.68 -13.07 18.73
CA TYR A 335 -16.13 -11.73 18.85
C TYR A 335 -17.09 -10.69 18.24
N ALA A 336 -17.50 -10.89 16.98
CA ALA A 336 -18.43 -9.95 16.34
C ALA A 336 -19.72 -9.80 17.14
N LYS A 337 -20.26 -10.90 17.66
CA LYS A 337 -21.41 -10.77 18.55
C LYS A 337 -21.10 -9.88 19.73
N GLN A 338 -19.92 -10.08 20.34
CA GLN A 338 -19.56 -9.31 21.53
C GLN A 338 -19.31 -7.85 21.18
N VAL A 339 -18.70 -7.58 20.01
CA VAL A 339 -18.55 -6.20 19.57
C VAL A 339 -19.91 -5.50 19.58
N LYS A 340 -20.92 -6.15 19.00
CA LYS A 340 -22.25 -5.54 18.92
C LYS A 340 -22.86 -5.35 20.31
N ALA A 341 -22.71 -6.34 21.17
CA ALA A 341 -23.28 -6.26 22.51
C ALA A 341 -22.62 -5.16 23.34
N ASN A 342 -21.30 -4.99 23.17
CA ASN A 342 -20.58 -3.96 23.93
C ASN A 342 -21.00 -2.57 23.50
N ALA A 343 -21.12 -2.34 22.18
CA ALA A 343 -21.57 -1.04 21.69
C ALA A 343 -22.98 -0.74 22.17
N VAL A 344 -23.87 -1.72 22.12
CA VAL A 344 -25.22 -1.57 22.68
C VAL A 344 -25.16 -1.19 24.15
N ALA A 345 -24.42 -1.96 24.95
CA ALA A 345 -24.40 -1.74 26.40
C ALA A 345 -23.77 -0.41 26.74
N LEU A 346 -22.79 0.02 25.95
CA LEU A 346 -22.20 1.33 26.12
C LEU A 346 -23.20 2.43 25.83
N GLY A 347 -23.93 2.29 24.71
CA GLY A 347 -24.94 3.28 24.38
C GLY A 347 -26.05 3.34 25.40
N LYS A 348 -26.54 2.17 25.85
CA LYS A 348 -27.62 2.18 26.82
C LYS A 348 -27.16 2.84 28.11
N TYR A 349 -25.88 2.63 28.46
CA TYR A 349 -25.32 3.27 29.64
C TYR A 349 -25.31 4.79 29.51
N LEU A 350 -24.84 5.29 28.35
CA LEU A 350 -24.82 6.73 28.14
C LEU A 350 -26.23 7.31 28.16
N MET A 351 -27.19 6.65 27.50
CA MET A 351 -28.54 7.18 27.49
C MET A 351 -29.16 7.13 28.88
N GLY A 352 -28.82 6.11 29.65
CA GLY A 352 -29.22 6.05 31.05
C GLY A 352 -28.77 7.26 31.85
N LYS A 353 -27.77 8.00 31.36
CA LYS A 353 -27.30 9.21 32.00
C LYS A 353 -27.94 10.46 31.40
N GLY A 354 -28.88 10.30 30.47
CA GLY A 354 -29.48 11.44 29.83
C GLY A 354 -28.78 11.92 28.59
N TYR A 355 -27.77 11.18 28.09
CA TYR A 355 -27.08 11.58 26.87
C TYR A 355 -27.89 11.12 25.65
N SER A 356 -27.65 11.79 24.53
CA SER A 356 -28.34 11.55 23.28
C SER A 356 -27.41 10.88 22.28
N LEU A 357 -27.89 9.80 21.67
CA LEU A 357 -27.22 9.14 20.56
C LEU A 357 -28.02 9.41 19.31
N VAL A 358 -27.34 9.61 18.19
CA VAL A 358 -28.06 9.72 16.92
C VAL A 358 -28.71 8.39 16.63
N THR A 359 -30.02 8.43 16.36
CA THR A 359 -30.96 7.33 16.13
C THR A 359 -31.30 6.60 17.42
N GLY A 360 -30.75 7.03 18.56
CA GLY A 360 -31.13 6.47 19.83
C GLY A 360 -30.58 5.09 20.12
N GLY A 361 -29.50 4.70 19.45
CA GLY A 361 -28.88 3.40 19.70
C GLY A 361 -28.00 3.00 18.52
N THR A 362 -27.70 1.70 18.46
CA THR A 362 -26.82 1.21 17.40
C THR A 362 -27.27 -0.18 17.00
N GLU A 363 -26.92 -0.56 15.76
CA GLU A 363 -27.05 -1.92 15.25
C GLU A 363 -25.71 -2.49 14.81
N ASN A 364 -24.60 -1.79 15.10
CA ASN A 364 -23.30 -2.29 14.68
C ASN A 364 -22.26 -2.05 15.76
N HIS A 365 -21.05 -1.68 15.37
CA HIS A 365 -19.90 -1.62 16.26
C HIS A 365 -19.71 -0.25 16.89
N LEU A 366 -20.50 0.76 16.53
CA LEU A 366 -20.21 2.10 17.01
C LEU A 366 -21.48 2.80 17.49
N VAL A 367 -21.28 3.84 18.28
CA VAL A 367 -22.37 4.78 18.56
C VAL A 367 -21.92 6.17 18.12
N LEU A 368 -22.91 7.02 17.86
CA LEU A 368 -22.66 8.42 17.52
C LEU A 368 -23.36 9.28 18.56
N TRP A 369 -22.58 10.00 19.34
CA TRP A 369 -23.05 10.70 20.52
C TRP A 369 -23.26 12.18 20.20
N ASP A 370 -24.51 12.66 20.29
CA ASP A 370 -24.85 14.05 20.02
C ASP A 370 -24.62 14.87 21.27
N LEU A 371 -23.63 15.76 21.22
CA LEU A 371 -23.24 16.57 22.37
C LEU A 371 -23.89 17.94 22.38
N ARG A 372 -24.48 18.38 21.27
CA ARG A 372 -25.08 19.70 21.19
C ARG A 372 -26.12 19.94 22.29
N PRO A 373 -26.90 18.95 22.71
CA PRO A 373 -27.84 19.23 23.82
C PRO A 373 -27.15 19.56 25.12
N LEU A 374 -25.87 19.24 25.28
CA LEU A 374 -25.13 19.65 26.45
C LEU A 374 -24.44 21.00 26.27
N GLY A 375 -24.61 21.63 25.11
CA GLY A 375 -23.87 22.85 24.82
C GLY A 375 -22.40 22.63 24.58
N LEU A 376 -22.00 21.47 24.05
CA LEU A 376 -20.59 21.18 23.83
C LEU A 376 -20.34 20.85 22.37
N THR A 377 -19.06 20.91 21.99
CA THR A 377 -18.58 20.48 20.69
C THR A 377 -17.80 19.18 20.83
N GLY A 378 -17.74 18.42 19.73
CA GLY A 378 -16.95 17.19 19.73
C GLY A 378 -15.49 17.42 20.06
N TYR A 379 -14.91 18.53 19.58
CA TYR A 379 -13.50 18.83 19.86
C TYR A 379 -13.20 18.83 21.34
N LYS A 380 -13.98 19.60 22.11
CA LYS A 380 -13.70 19.74 23.54
C LYS A 380 -13.67 18.37 24.22
N VAL A 381 -14.67 17.53 23.92
CA VAL A 381 -14.73 16.20 24.52
C VAL A 381 -13.56 15.35 24.04
N GLU A 382 -13.30 15.37 22.74
CA GLU A 382 -12.16 14.63 22.18
C GLU A 382 -10.85 15.03 22.84
N LYS A 383 -10.61 16.34 22.98
CA LYS A 383 -9.35 16.81 23.57
C LYS A 383 -9.20 16.36 25.02
N LEU A 384 -10.26 16.52 25.83
CA LEU A 384 -10.14 16.11 27.23
C LEU A 384 -9.99 14.60 27.35
N CYS A 385 -10.76 13.84 26.57
CA CYS A 385 -10.57 12.40 26.55
C CYS A 385 -9.13 12.07 26.18
N ASP A 386 -8.61 12.72 25.14
CA ASP A 386 -7.25 12.46 24.66
C ASP A 386 -6.21 12.70 25.75
N LEU A 387 -6.45 13.69 26.62
CA LEU A 387 -5.57 13.95 27.76
C LEU A 387 -5.68 12.88 28.83
N CYS A 388 -6.74 12.08 28.81
CA CYS A 388 -6.88 10.94 29.70
C CYS A 388 -6.55 9.62 29.02
N ASN A 389 -6.01 9.66 27.80
CA ASN A 389 -5.69 8.47 27.00
C ASN A 389 -6.92 7.66 26.62
N ILE A 390 -8.07 8.34 26.56
CA ILE A 390 -9.27 7.81 25.92
C ILE A 390 -9.31 8.40 24.53
N THR A 391 -9.25 7.56 23.51
CA THR A 391 -9.19 8.03 22.13
C THR A 391 -10.55 7.84 21.47
N VAL A 392 -11.22 8.96 21.18
CA VAL A 392 -12.43 9.01 20.40
C VAL A 392 -12.17 10.02 19.29
N ASN A 393 -13.15 10.24 18.42
CA ASN A 393 -12.96 11.31 17.45
C ASN A 393 -14.27 12.07 17.23
N LYS A 394 -14.12 13.37 17.00
CA LYS A 394 -15.25 14.25 16.76
C LYS A 394 -15.93 13.92 15.43
N ASN A 395 -17.23 14.17 15.35
CA ASN A 395 -18.00 13.74 14.19
C ASN A 395 -19.27 14.56 14.06
N ALA A 396 -19.57 15.02 12.84
CA ALA A 396 -20.83 15.73 12.59
C ALA A 396 -22.03 14.82 12.91
N VAL A 397 -23.13 15.44 13.30
CA VAL A 397 -24.34 14.72 13.70
C VAL A 397 -25.51 15.17 12.84
N PHE A 398 -26.38 14.21 12.50
CA PHE A 398 -27.57 14.44 11.68
C PHE A 398 -27.22 15.06 10.33
N GLY A 399 -26.03 14.75 9.83
CA GLY A 399 -25.60 15.25 8.52
C GLY A 399 -25.41 16.75 8.45
N ASP A 400 -25.20 17.41 9.58
CA ASP A 400 -25.07 18.87 9.59
C ASP A 400 -23.81 19.28 8.82
N SER A 401 -24.00 19.90 7.66
CA SER A 401 -22.91 20.44 6.86
C SER A 401 -22.54 21.86 7.26
N SER A 402 -23.21 22.42 8.27
CA SER A 402 -22.88 23.74 8.78
C SER A 402 -21.39 23.88 9.09
N ALA A 403 -20.90 25.12 8.99
CA ALA A 403 -19.52 25.41 9.36
C ALA A 403 -19.30 25.33 10.88
N LEU A 404 -20.37 25.22 11.67
CA LEU A 404 -20.20 25.06 13.11
C LEU A 404 -19.38 23.80 13.37
N ALA A 405 -18.49 23.87 14.35
CA ALA A 405 -17.68 22.72 14.71
C ALA A 405 -18.59 21.51 14.94
N PRO A 406 -18.19 20.32 14.51
CA PRO A 406 -19.09 19.15 14.60
C PRO A 406 -19.58 18.93 16.03
N GLY A 407 -20.86 18.56 16.14
CA GLY A 407 -21.48 18.51 17.45
C GLY A 407 -21.53 17.14 18.11
N GLY A 408 -20.63 16.22 17.73
CA GLY A 408 -20.69 14.87 18.29
C GLY A 408 -19.34 14.21 18.39
N VAL A 409 -19.34 12.99 18.94
CA VAL A 409 -18.17 12.11 18.93
C VAL A 409 -18.61 10.71 18.48
N ARG A 410 -17.72 10.04 17.76
CA ARG A 410 -17.90 8.67 17.31
C ARG A 410 -17.09 7.75 18.23
N ILE A 411 -17.70 6.65 18.64
CA ILE A 411 -17.10 5.72 19.59
C ILE A 411 -17.33 4.32 19.06
N GLY A 412 -16.25 3.53 18.93
CA GLY A 412 -16.33 2.16 18.44
C GLY A 412 -15.94 1.14 19.49
N ALA A 413 -16.48 -0.07 19.36
CA ALA A 413 -16.17 -1.18 20.26
C ALA A 413 -15.12 -2.21 19.79
N PRO A 414 -14.74 -2.29 18.50
CA PRO A 414 -13.83 -3.39 18.09
C PRO A 414 -12.53 -3.52 18.89
N ALA A 415 -11.84 -2.42 19.18
CA ALA A 415 -10.47 -2.52 19.69
C ALA A 415 -10.42 -3.06 21.12
N MET A 416 -11.10 -2.37 22.07
CA MET A 416 -11.34 -2.93 23.39
C MET A 416 -11.99 -4.30 23.39
N THR A 417 -12.91 -4.60 22.48
CA THR A 417 -13.44 -5.96 22.51
C THR A 417 -12.35 -6.98 22.21
N SER A 418 -11.44 -6.63 21.29
CA SER A 418 -10.33 -7.55 21.01
C SER A 418 -9.40 -7.73 22.20
N ARG A 419 -9.40 -6.82 23.17
CA ARG A 419 -8.65 -7.05 24.40
C ARG A 419 -9.46 -7.83 25.42
N GLY A 420 -10.64 -8.31 25.04
CA GLY A 420 -11.42 -9.17 25.91
C GLY A 420 -12.45 -8.49 26.76
N LEU A 421 -12.76 -7.21 26.51
CA LEU A 421 -13.73 -6.50 27.34
C LEU A 421 -15.15 -6.90 26.95
N VAL A 422 -16.00 -7.11 27.97
CA VAL A 422 -17.40 -7.48 27.76
C VAL A 422 -18.31 -6.34 28.27
N GLU A 423 -19.61 -6.63 28.42
CA GLU A 423 -20.57 -5.53 28.67
C GLU A 423 -20.23 -4.75 29.93
N LYS A 424 -20.00 -5.46 31.04
CA LYS A 424 -19.62 -4.82 32.29
C LYS A 424 -18.43 -3.88 32.09
N ASP A 425 -17.45 -4.30 31.27
CA ASP A 425 -16.30 -3.45 31.04
C ASP A 425 -16.68 -2.21 30.23
N PHE A 426 -17.54 -2.38 29.22
CA PHE A 426 -17.96 -1.22 28.44
C PHE A 426 -18.92 -0.31 29.21
N GLU A 427 -19.59 -0.83 30.22
CA GLU A 427 -20.33 0.06 31.12
C GLU A 427 -19.37 0.91 31.95
N GLN A 428 -18.25 0.32 32.39
CA GLN A 428 -17.19 1.11 33.02
C GLN A 428 -16.59 2.14 32.08
N ILE A 429 -16.44 1.79 30.79
CA ILE A 429 -15.94 2.77 29.82
C ILE A 429 -16.88 3.97 29.75
N GLY A 430 -18.19 3.71 29.72
CA GLY A 430 -19.17 4.78 29.73
C GLY A 430 -19.07 5.65 30.98
N GLU A 431 -18.77 5.03 32.13
CA GLU A 431 -18.49 5.81 33.34
C GLU A 431 -17.33 6.78 33.13
N PHE A 432 -16.24 6.32 32.50
CA PHE A 432 -15.12 7.22 32.25
C PHE A 432 -15.52 8.32 31.29
N LEU A 433 -16.29 7.99 30.24
CA LEU A 433 -16.83 9.01 29.34
C LEU A 433 -17.75 9.97 30.08
N HIS A 434 -18.58 9.47 30.98
CA HIS A 434 -19.44 10.33 31.79
C HIS A 434 -18.60 11.33 32.57
N ARG A 435 -17.60 10.84 33.31
CA ARG A 435 -16.70 11.73 34.03
C ARG A 435 -15.99 12.70 33.07
N ALA A 436 -15.62 12.23 31.88
CA ALA A 436 -14.93 13.11 30.95
C ALA A 436 -15.81 14.29 30.55
N VAL A 437 -17.07 14.00 30.16
CA VAL A 437 -17.98 15.08 29.79
C VAL A 437 -18.30 15.97 30.98
N THR A 438 -18.34 15.39 32.18
CA THR A 438 -18.60 16.19 33.37
C THR A 438 -17.50 17.22 33.59
N LEU A 439 -16.24 16.82 33.42
CA LEU A 439 -15.14 17.78 33.55
C LEU A 439 -15.12 18.77 32.40
N THR A 440 -15.43 18.33 31.19
CA THR A 440 -15.55 19.25 30.06
C THR A 440 -16.57 20.34 30.36
N LEU A 441 -17.65 19.98 31.06
CA LEU A 441 -18.65 20.98 31.40
C LEU A 441 -18.19 21.89 32.53
N GLU A 442 -17.56 21.33 33.57
CA GLU A 442 -17.07 22.18 34.66
C GLU A 442 -16.10 23.21 34.12
N ILE A 443 -15.26 22.79 33.18
CA ILE A 443 -14.25 23.68 32.62
C ILE A 443 -14.94 24.77 31.82
N GLN A 444 -15.91 24.38 30.98
CA GLN A 444 -16.64 25.38 30.21
C GLN A 444 -17.36 26.35 31.11
N LYS A 445 -18.02 25.84 32.15
CA LYS A 445 -18.73 26.71 33.08
C LYS A 445 -17.76 27.67 33.79
N GLU A 446 -16.58 27.19 34.15
CA GLU A 446 -15.65 28.08 34.87
C GLU A 446 -14.97 29.06 33.92
N HIS A 447 -14.50 28.60 32.77
CA HIS A 447 -13.66 29.41 31.89
C HIS A 447 -14.38 29.98 30.67
N GLY A 448 -15.28 29.24 30.03
CA GLY A 448 -16.07 29.86 28.96
C GLY A 448 -16.27 29.03 27.70
N LYS A 449 -17.24 29.44 26.88
CA LYS A 449 -17.66 28.63 25.74
C LYS A 449 -16.70 28.72 24.57
N LEU A 450 -16.07 29.87 24.36
CA LEU A 450 -15.12 30.03 23.27
C LEU A 450 -13.95 29.08 23.43
N LEU A 451 -13.41 28.61 22.30
CA LEU A 451 -12.32 27.64 22.31
C LEU A 451 -11.12 28.16 23.12
N LYS A 452 -10.74 29.42 22.91
CA LYS A 452 -9.59 29.97 23.60
C LYS A 452 -9.75 29.84 25.12
N ASP A 453 -10.96 30.04 25.62
CA ASP A 453 -11.20 29.95 27.06
C ASP A 453 -11.08 28.52 27.55
N PHE A 454 -11.69 27.59 26.81
CA PHE A 454 -11.68 26.18 27.20
C PHE A 454 -10.27 25.68 27.47
N ASN A 455 -9.34 26.02 26.57
CA ASN A 455 -7.98 25.51 26.70
C ASN A 455 -7.34 25.97 28.00
N LYS A 456 -7.71 27.16 28.50
CA LYS A 456 -7.15 27.64 29.76
C LYS A 456 -7.46 26.67 30.91
N GLY A 457 -8.58 25.97 30.84
CA GLY A 457 -8.93 25.02 31.87
C GLY A 457 -8.23 23.69 31.80
N LEU A 458 -7.47 23.44 30.74
CA LEU A 458 -6.73 22.19 30.64
C LEU A 458 -5.35 22.28 31.29
N VAL A 459 -4.84 23.49 31.51
CA VAL A 459 -3.52 23.71 32.09
C VAL A 459 -3.49 23.19 33.53
N ASN A 460 -2.78 22.08 33.75
CA ASN A 460 -2.52 21.55 35.08
C ASN A 460 -3.84 21.36 35.85
N ASN A 461 -4.73 20.58 35.24
CA ASN A 461 -6.02 20.24 35.82
C ASN A 461 -5.88 18.94 36.62
N LYS A 462 -5.97 19.05 37.94
CA LYS A 462 -5.79 17.87 38.79
C LYS A 462 -6.83 16.80 38.46
N ALA A 463 -8.10 17.19 38.40
CA ALA A 463 -9.18 16.22 38.12
C ALA A 463 -8.96 15.48 36.81
N ILE A 464 -8.35 16.11 35.82
CA ILE A 464 -8.02 15.41 34.59
C ILE A 464 -6.94 14.37 34.87
N GLU A 465 -5.95 14.74 35.69
CA GLU A 465 -4.88 13.80 36.03
C GLU A 465 -5.41 12.59 36.77
N ASP A 466 -6.46 12.76 37.58
CA ASP A 466 -7.06 11.63 38.28
C ASP A 466 -7.78 10.71 37.32
N LEU A 467 -8.60 11.27 36.41
CA LEU A 467 -9.27 10.41 35.44
C LEU A 467 -8.25 9.68 34.56
N LYS A 468 -7.18 10.37 34.17
CA LYS A 468 -6.11 9.73 33.40
C LYS A 468 -5.51 8.58 34.17
N ALA A 469 -5.27 8.76 35.47
CA ALA A 469 -4.77 7.68 36.30
C ALA A 469 -5.77 6.55 36.40
N ASP A 470 -7.05 6.88 36.61
CA ASP A 470 -8.10 5.86 36.63
C ASP A 470 -8.14 5.07 35.31
N VAL A 471 -7.93 5.75 34.18
CA VAL A 471 -8.03 5.08 32.89
C VAL A 471 -6.87 4.12 32.70
N GLU A 472 -5.66 4.55 33.05
CA GLU A 472 -4.47 3.72 32.90
CA GLU A 472 -4.48 3.70 32.89
C GLU A 472 -4.58 2.43 33.71
N LYS A 473 -5.08 2.53 34.95
CA LYS A 473 -5.16 1.35 35.82
C LYS A 473 -6.25 0.39 35.34
N PHE A 474 -7.39 0.93 34.89
CA PHE A 474 -8.39 0.10 34.23
C PHE A 474 -7.82 -0.59 33.00
N SER A 475 -7.15 0.20 32.15
CA SER A 475 -6.58 -0.32 30.90
C SER A 475 -5.61 -1.46 31.16
N ALA A 476 -4.82 -1.37 32.23
CA ALA A 476 -3.80 -2.36 32.54
C ALA A 476 -4.37 -3.71 32.93
N LEU A 477 -5.65 -3.78 33.29
CA LEU A 477 -6.25 -5.02 33.77
C LEU A 477 -6.52 -6.05 32.67
N PHE A 478 -6.35 -5.71 31.39
CA PHE A 478 -6.78 -6.59 30.31
C PHE A 478 -5.59 -7.05 29.47
N ASP A 479 -5.81 -8.15 28.75
CA ASP A 479 -4.77 -8.69 27.89
C ASP A 479 -4.62 -7.83 26.62
N MET A 480 -3.59 -8.17 25.83
CA MET A 480 -3.17 -7.61 24.53
C MET A 480 -2.75 -8.60 23.45
N PRO A 481 -3.46 -8.65 22.33
CA PRO A 481 -2.99 -9.44 21.18
C PRO A 481 -1.84 -8.73 20.48
N GLY A 482 -1.07 -9.51 19.71
CA GLY A 482 -0.07 -9.00 18.78
C GLY A 482 1.35 -8.98 19.33
N PHE A 483 1.49 -8.75 20.63
CA PHE A 483 2.78 -8.83 21.29
C PHE A 483 2.54 -9.25 22.74
N LEU A 484 3.61 -9.69 23.38
CA LEU A 484 3.52 -10.21 24.74
C LEU A 484 3.82 -9.07 25.71
N VAL A 485 2.80 -8.67 26.49
CA VAL A 485 2.99 -7.63 27.49
C VAL A 485 4.09 -8.02 28.45
N SER A 486 4.34 -9.33 28.62
CA SER A 486 5.39 -9.80 29.52
C SER A 486 6.76 -9.28 29.11
N GLU A 487 7.06 -9.24 27.81
CA GLU A 487 8.40 -8.86 27.37
C GLU A 487 8.46 -7.46 26.77
N MET A 488 7.48 -6.61 27.08
CA MET A 488 7.43 -5.20 26.73
C MET A 488 8.71 -4.50 27.19
N LYS A 489 9.08 -3.37 26.61
CA LYS A 489 10.20 -2.62 27.19
C LYS A 489 9.73 -1.72 28.32
N TYR A 490 8.53 -1.15 28.21
CA TYR A 490 8.03 -0.12 29.11
C TYR A 490 6.83 -0.66 29.88
N LYS A 491 7.00 -0.87 31.18
CA LYS A 491 5.92 -1.35 32.05
C LYS A 491 5.83 -0.49 33.32
N HIS B 21 -18.85 -17.81 23.67
CA HIS B 21 -17.57 -17.55 24.35
C HIS B 21 -16.46 -17.14 23.35
N MET B 22 -15.87 -15.98 23.57
CA MET B 22 -14.76 -15.56 22.72
C MET B 22 -13.51 -16.34 23.07
N ASP B 23 -12.62 -16.47 22.09
CA ASP B 23 -11.31 -17.01 22.35
C ASP B 23 -10.58 -16.12 23.36
N PRO B 24 -9.87 -16.69 24.34
CA PRO B 24 -8.95 -15.88 25.13
C PRO B 24 -7.96 -15.17 24.21
N VAL B 25 -7.52 -13.99 24.65
CA VAL B 25 -6.56 -13.23 23.85
C VAL B 25 -5.32 -14.07 23.58
N SER B 26 -4.87 -14.84 24.58
CA SER B 26 -3.65 -15.64 24.40
C SER B 26 -3.82 -16.65 23.28
N VAL B 27 -5.02 -17.22 23.13
CA VAL B 27 -5.24 -18.25 22.11
C VAL B 27 -5.23 -17.64 20.71
N TRP B 28 -6.15 -16.71 20.43
CA TRP B 28 -6.21 -16.18 19.06
C TRP B 28 -5.12 -15.15 18.78
N GLY B 29 -4.72 -14.37 19.78
CA GLY B 29 -3.96 -13.15 19.55
C GLY B 29 -2.47 -13.20 19.82
N ASN B 30 -2.02 -14.11 20.68
CA ASN B 30 -0.62 -14.23 21.03
C ASN B 30 0.02 -15.51 20.50
N THR B 31 -0.77 -16.43 19.97
CA THR B 31 -0.23 -17.70 19.51
C THR B 31 0.56 -17.48 18.23
N PRO B 32 1.71 -18.12 18.06
CA PRO B 32 2.52 -17.91 16.86
C PRO B 32 1.84 -18.40 15.59
N LEU B 33 2.32 -17.85 14.46
CA LEU B 33 1.82 -18.22 13.13
C LEU B 33 1.94 -19.72 12.87
N ALA B 34 3.05 -20.33 13.30
CA ALA B 34 3.28 -21.74 13.03
C ALA B 34 2.16 -22.62 13.59
N THR B 35 1.56 -22.21 14.72
CA THR B 35 0.40 -22.92 15.26
C THR B 35 -0.92 -22.41 14.69
N VAL B 36 -1.11 -21.09 14.61
CA VAL B 36 -2.40 -20.56 14.15
C VAL B 36 -2.70 -21.01 12.73
N ASP B 37 -1.71 -20.95 11.83
CA ASP B 37 -1.93 -21.18 10.40
C ASP B 37 -0.79 -22.00 9.84
N PRO B 38 -0.79 -23.31 10.05
CA PRO B 38 0.33 -24.13 9.56
C PRO B 38 0.47 -24.10 8.05
N GLU B 39 -0.64 -24.00 7.31
CA GLU B 39 -0.56 -23.89 5.86
C GLU B 39 0.24 -22.67 5.44
N ILE B 40 -0.14 -21.49 5.95
CA ILE B 40 0.55 -20.28 5.52
C ILE B 40 1.99 -20.32 6.00
N HIS B 41 2.20 -20.71 7.26
CA HIS B 41 3.57 -20.86 7.76
C HIS B 41 4.39 -21.73 6.82
N ASP B 42 3.86 -22.89 6.45
CA ASP B 42 4.62 -23.80 5.60
C ASP B 42 4.96 -23.15 4.27
N LEU B 43 3.99 -22.44 3.67
CA LEU B 43 4.25 -21.78 2.39
C LEU B 43 5.34 -20.72 2.52
N ILE B 44 5.34 -19.97 3.62
CA ILE B 44 6.41 -18.97 3.81
C ILE B 44 7.78 -19.65 3.94
N GLU B 45 7.84 -20.79 4.64
CA GLU B 45 9.11 -21.51 4.76
C GLU B 45 9.60 -21.98 3.39
N LYS B 46 8.71 -22.53 2.56
CA LYS B 46 9.11 -22.92 1.21
C LYS B 46 9.61 -21.73 0.39
N GLU B 47 8.95 -20.57 0.51
CA GLU B 47 9.42 -19.39 -0.20
C GLU B 47 10.77 -18.92 0.31
N LYS B 48 11.01 -19.03 1.63
CA LYS B 48 12.32 -18.70 2.17
C LYS B 48 13.42 -19.58 1.56
N ARG B 49 13.16 -20.88 1.43
CA ARG B 49 14.13 -21.76 0.78
C ARG B 49 14.34 -21.35 -0.67
N ARG B 50 13.24 -21.17 -1.41
CA ARG B 50 13.35 -20.77 -2.79
C ARG B 50 14.23 -19.53 -2.94
N GLN B 51 14.09 -18.58 -1.99
CA GLN B 51 14.85 -17.35 -2.09
C GLN B 51 16.36 -17.58 -1.94
N CYS B 52 16.79 -18.58 -1.18
CA CYS B 52 18.22 -18.77 -1.02
C CYS B 52 18.77 -20.01 -1.72
N ARG B 53 17.97 -20.72 -2.51
CA ARG B 53 18.49 -21.89 -3.22
C ARG B 53 18.59 -21.68 -4.72
N GLY B 54 18.34 -20.46 -5.20
CA GLY B 54 18.52 -20.14 -6.61
C GLY B 54 19.35 -18.89 -6.80
N ILE B 55 19.35 -18.37 -8.02
CA ILE B 55 20.12 -17.17 -8.38
C ILE B 55 19.10 -16.14 -8.82
N GLU B 56 18.96 -15.08 -8.05
CA GLU B 56 17.95 -14.06 -8.26
C GLU B 56 18.58 -12.91 -9.06
N LEU B 57 18.20 -12.80 -10.34
CA LEU B 57 18.72 -11.77 -11.22
C LEU B 57 17.65 -10.78 -11.70
N ILE B 58 16.46 -10.79 -11.10
CA ILE B 58 15.48 -9.77 -11.45
C ILE B 58 15.98 -8.42 -10.94
N ALA B 59 16.10 -7.45 -11.85
CA ALA B 59 16.76 -6.19 -11.52
C ALA B 59 15.98 -5.32 -10.53
N SER B 60 14.69 -5.58 -10.36
CA SER B 60 13.89 -4.85 -9.39
C SER B 60 13.74 -5.59 -8.06
N GLU B 61 14.44 -6.71 -7.87
CA GLU B 61 14.39 -7.50 -6.65
C GLU B 61 15.57 -7.22 -5.73
N ASN B 62 15.33 -7.33 -4.43
CA ASN B 62 16.40 -7.31 -3.46
C ASN B 62 16.00 -8.21 -2.29
N PHE B 63 16.92 -8.39 -1.36
CA PHE B 63 16.65 -9.09 -0.12
C PHE B 63 16.91 -8.11 1.02
N THR B 64 15.86 -7.79 1.80
CA THR B 64 15.98 -6.71 2.78
C THR B 64 16.48 -7.28 4.11
N SER B 65 16.70 -6.41 5.09
CA SER B 65 17.35 -6.82 6.34
C SER B 65 16.33 -7.31 7.36
N PHE B 66 16.82 -8.11 8.32
CA PHE B 66 15.98 -8.56 9.42
C PHE B 66 15.42 -7.37 10.20
N ALA B 67 16.25 -6.36 10.42
CA ALA B 67 15.82 -5.15 11.13
C ALA B 67 14.60 -4.52 10.46
N VAL B 68 14.66 -4.36 9.14
CA VAL B 68 13.52 -3.82 8.39
C VAL B 68 12.30 -4.72 8.55
N ILE B 69 12.51 -6.04 8.49
CA ILE B 69 11.39 -6.97 8.59
C ILE B 69 10.75 -6.91 9.98
N GLU B 70 11.55 -6.75 11.04
CA GLU B 70 11.01 -6.66 12.40
C GLU B 70 10.14 -5.42 12.59
N ALA B 71 10.57 -4.29 12.01
CA ALA B 71 9.75 -3.09 12.07
C ALA B 71 8.48 -3.25 11.24
N LEU B 72 8.61 -3.88 10.07
CA LEU B 72 7.47 -4.10 9.18
C LEU B 72 6.40 -4.96 9.85
N GLY B 73 6.80 -6.04 10.50
CA GLY B 73 5.86 -6.85 11.24
C GLY B 73 5.83 -6.45 12.69
N SER B 74 5.06 -5.41 13.01
CA SER B 74 5.08 -4.83 14.35
C SER B 74 3.72 -4.22 14.67
N ALA B 75 3.55 -3.82 15.94
CA ALA B 75 2.30 -3.22 16.39
C ALA B 75 2.01 -1.88 15.70
N LEU B 76 2.97 -1.34 14.94
CA LEU B 76 2.71 -0.12 14.17
C LEU B 76 1.53 -0.28 13.20
N THR B 77 1.20 -1.49 12.79
CA THR B 77 0.04 -1.66 11.92
C THR B 77 -1.29 -1.39 12.65
N ASN B 78 -1.29 -1.24 13.98
CA ASN B 78 -2.53 -1.05 14.71
C ASN B 78 -2.98 0.41 14.82
N LYS B 79 -2.28 1.37 14.22
CA LYS B 79 -2.57 2.79 14.47
C LYS B 79 -3.03 3.49 13.20
N TYR B 80 -4.22 4.10 13.26
CA TYR B 80 -4.63 5.10 12.27
C TYR B 80 -4.04 6.48 12.52
N SER B 81 -3.45 7.05 11.46
CA SER B 81 -2.79 8.35 11.58
C SER B 81 -3.00 9.16 10.29
N GLU B 82 -4.24 9.21 9.82
CA GLU B 82 -4.54 10.07 8.68
C GLU B 82 -4.11 11.50 8.98
N GLY B 83 -3.52 12.14 7.99
CA GLY B 83 -2.99 13.47 8.16
C GLY B 83 -1.48 13.47 8.02
N MET B 84 -0.86 14.47 8.66
CA MET B 84 0.57 14.71 8.63
C MET B 84 1.01 14.85 10.09
N PRO B 85 2.29 14.61 10.37
CA PRO B 85 2.81 14.82 11.73
C PRO B 85 2.43 16.19 12.27
N GLY B 86 1.89 16.21 13.50
CA GLY B 86 1.43 17.41 14.14
C GLY B 86 0.13 17.97 13.58
N ASN B 87 -0.49 17.30 12.61
CA ASN B 87 -1.79 17.72 12.04
CA ASN B 87 -1.75 17.72 12.01
C ASN B 87 -2.52 16.46 11.61
N ARG B 88 -2.92 15.66 12.60
CA ARG B 88 -3.61 14.39 12.39
C ARG B 88 -5.11 14.53 12.67
N TYR B 89 -5.89 13.65 12.04
CA TYR B 89 -7.31 13.58 12.34
C TYR B 89 -7.54 13.11 13.78
N TYR B 90 -6.86 12.04 14.18
CA TYR B 90 -7.08 11.38 15.45
C TYR B 90 -5.96 11.72 16.44
N GLY B 91 -6.29 11.71 17.73
CA GLY B 91 -5.28 11.81 18.76
C GLY B 91 -4.49 10.51 18.91
N GLY B 92 -3.70 10.46 19.98
CA GLY B 92 -2.87 9.31 20.26
C GLY B 92 -1.74 9.03 19.27
N ASN B 93 -1.29 10.04 18.54
CA ASN B 93 -0.27 9.85 17.50
C ASN B 93 1.11 10.38 17.91
N GLU B 94 1.35 10.52 19.22
CA GLU B 94 2.59 11.15 19.66
CA GLU B 94 2.60 11.12 19.70
C GLU B 94 3.82 10.39 19.17
N TYR B 95 3.76 9.06 19.15
CA TYR B 95 4.93 8.29 18.75
C TYR B 95 4.95 8.01 17.25
N ILE B 96 3.77 7.85 16.63
CA ILE B 96 3.71 7.77 15.17
C ILE B 96 4.30 9.04 14.55
N ASP B 97 3.95 10.19 15.11
CA ASP B 97 4.52 11.45 14.67
C ASP B 97 6.04 11.42 14.70
N GLN B 98 6.61 10.94 15.80
CA GLN B 98 8.08 10.91 15.91
C GLN B 98 8.70 9.98 14.89
N ILE B 99 8.08 8.81 14.66
CA ILE B 99 8.61 7.88 13.67
C ILE B 99 8.58 8.49 12.27
N GLU B 100 7.45 9.09 11.88
CA GLU B 100 7.36 9.65 10.52
C GLU B 100 8.29 10.84 10.35
N ASN B 101 8.40 11.70 11.36
CA ASN B 101 9.32 12.82 11.30
C ASN B 101 10.76 12.34 11.14
N LEU B 102 11.12 11.28 11.86
CA LEU B 102 12.47 10.76 11.76
C LEU B 102 12.66 10.06 10.42
N CYS B 103 11.62 9.40 9.92
CA CYS B 103 11.69 8.80 8.60
C CYS B 103 11.94 9.87 7.54
N ARG B 104 11.25 11.02 7.66
CA ARG B 104 11.36 12.07 6.65
C ARG B 104 12.73 12.74 6.70
N SER B 105 13.23 13.01 7.91
CA SER B 105 14.54 13.64 8.01
C SER B 105 15.64 12.69 7.55
N ARG B 106 15.52 11.40 7.87
CA ARG B 106 16.46 10.40 7.37
C ARG B 106 16.40 10.28 5.85
N ALA B 107 15.22 10.47 5.27
CA ALA B 107 15.08 10.43 3.81
C ALA B 107 15.88 11.55 3.17
N LEU B 108 15.80 12.75 3.72
CA LEU B 108 16.58 13.87 3.18
C LEU B 108 18.08 13.62 3.36
N GLN B 109 18.49 13.17 4.55
CA GLN B 109 19.90 12.90 4.79
C GLN B 109 20.44 11.84 3.83
N ALA B 110 19.69 10.76 3.64
CA ALA B 110 20.14 9.67 2.78
C ALA B 110 20.48 10.15 1.37
N PHE B 111 19.76 11.14 0.85
CA PHE B 111 20.01 11.62 -0.50
C PHE B 111 20.71 12.98 -0.50
N HIS B 112 21.30 13.36 0.64
CA HIS B 112 22.18 14.53 0.76
C HIS B 112 21.44 15.81 0.38
N LEU B 113 20.24 15.98 0.91
CA LEU B 113 19.36 17.06 0.54
C LEU B 113 19.25 18.06 1.69
N ASP B 114 19.42 19.34 1.36
CA ASP B 114 19.16 20.40 2.32
C ASP B 114 17.68 20.49 2.64
N ALA B 115 17.35 20.58 3.93
CA ALA B 115 15.94 20.61 4.33
C ALA B 115 15.26 21.90 3.89
N GLN B 116 16.01 22.99 3.70
CA GLN B 116 15.43 24.21 3.16
C GLN B 116 15.18 24.16 1.66
N SER B 117 15.75 23.19 0.94
CA SER B 117 15.55 23.12 -0.50
C SER B 117 14.70 21.94 -0.93
N TRP B 118 14.49 20.97 -0.04
CA TRP B 118 13.80 19.74 -0.41
C TRP B 118 12.91 19.29 0.74
N GLY B 119 11.73 18.79 0.38
CA GLY B 119 10.88 18.10 1.32
C GLY B 119 10.54 16.72 0.78
N VAL B 120 9.97 15.88 1.63
CA VAL B 120 9.63 14.53 1.22
C VAL B 120 8.35 14.11 1.93
N ASN B 121 7.54 13.32 1.23
CA ASN B 121 6.38 12.65 1.82
C ASN B 121 6.62 11.14 1.77
N VAL B 122 6.50 10.48 2.92
CA VAL B 122 6.89 9.07 3.05
C VAL B 122 5.68 8.15 3.20
N GLN B 123 4.45 8.67 2.99
CA GLN B 123 3.26 7.81 3.10
C GLN B 123 2.85 7.02 1.86
N PRO B 124 3.37 7.22 0.64
CA PRO B 124 2.85 6.43 -0.49
C PRO B 124 2.97 4.93 -0.21
N TYR B 125 1.92 4.17 -0.55
CA TYR B 125 1.93 2.73 -0.20
C TYR B 125 3.00 1.96 -0.98
N SER B 126 3.33 2.42 -2.18
CA SER B 126 4.30 1.74 -3.03
C SER B 126 4.77 2.73 -4.10
N GLY B 127 5.57 2.24 -5.05
CA GLY B 127 6.06 3.10 -6.11
C GLY B 127 4.96 3.70 -6.98
N SER B 128 4.09 2.86 -7.52
CA SER B 128 3.03 3.37 -8.39
C SER B 128 2.08 4.32 -7.65
N PRO B 129 1.69 4.08 -6.40
CA PRO B 129 0.93 5.11 -5.67
C PRO B 129 1.68 6.41 -5.53
N ALA B 130 3.01 6.35 -5.35
CA ALA B 130 3.78 7.59 -5.25
C ALA B 130 3.72 8.39 -6.56
N ASN B 131 3.81 7.71 -7.71
CA ASN B 131 3.79 8.43 -8.98
C ASN B 131 2.40 9.03 -9.23
N PHE B 132 1.35 8.24 -9.01
CA PHE B 132 0.02 8.76 -9.32
C PHE B 132 -0.33 9.93 -8.42
N ALA B 133 0.16 9.91 -7.17
CA ALA B 133 -0.08 11.03 -6.27
C ALA B 133 0.70 12.26 -6.71
N ALA B 134 1.96 12.09 -7.12
CA ALA B 134 2.71 13.23 -7.67
C ALA B 134 1.96 13.84 -8.86
N TYR B 135 1.48 13.01 -9.79
CA TYR B 135 0.77 13.57 -10.95
C TYR B 135 -0.46 14.33 -10.49
N THR B 136 -1.24 13.71 -9.61
CA THR B 136 -2.47 14.32 -9.11
C THR B 136 -2.16 15.66 -8.47
N ALA B 137 -1.00 15.77 -7.81
CA ALA B 137 -0.65 17.03 -7.12
C ALA B 137 -0.42 18.17 -8.10
N VAL B 138 0.29 17.93 -9.20
CA VAL B 138 0.75 19.03 -10.06
C VAL B 138 -0.01 19.15 -11.38
N LEU B 139 -0.79 18.14 -11.78
CA LEU B 139 -1.52 18.14 -13.03
C LEU B 139 -3.03 18.10 -12.79
N ASN B 140 -3.77 18.65 -13.75
CA ASN B 140 -5.20 18.43 -13.85
C ASN B 140 -5.48 17.22 -14.72
N PRO B 141 -6.66 16.62 -14.59
CA PRO B 141 -7.03 15.53 -15.49
C PRO B 141 -6.88 15.95 -16.95
N HIS B 142 -6.39 15.02 -17.77
CA HIS B 142 -6.07 15.15 -19.19
C HIS B 142 -4.87 16.04 -19.48
N ASP B 143 -4.15 16.54 -18.46
CA ASP B 143 -2.90 17.22 -18.77
C ASP B 143 -1.94 16.24 -19.46
N ARG B 144 -1.04 16.79 -20.25
CA ARG B 144 -0.10 15.98 -21.04
C ARG B 144 1.17 15.62 -20.28
N ILE B 145 1.61 14.37 -20.44
CA ILE B 145 2.78 13.81 -19.79
C ILE B 145 3.65 13.14 -20.85
N MET B 146 4.97 13.29 -20.81
CA MET B 146 5.76 12.29 -21.51
C MET B 146 6.73 11.54 -20.60
N GLY B 147 6.92 10.27 -20.95
CA GLY B 147 7.76 9.33 -20.22
C GLY B 147 8.40 8.35 -21.18
N LEU B 148 9.46 7.67 -20.69
CA LEU B 148 10.20 6.73 -21.54
C LEU B 148 9.28 5.60 -21.98
N ASP B 149 9.24 5.35 -23.29
CA ASP B 149 8.42 4.29 -23.85
C ASP B 149 8.69 2.95 -23.18
N LEU B 150 7.63 2.17 -22.95
CA LEU B 150 7.79 0.87 -22.29
C LEU B 150 8.77 -0.04 -23.01
N PRO B 151 8.66 -0.29 -24.33
CA PRO B 151 9.68 -1.14 -24.97
C PRO B 151 11.06 -0.52 -25.03
N SER B 152 11.21 0.77 -24.70
CA SER B 152 12.53 1.39 -24.55
C SER B 152 13.07 1.30 -23.13
N GLY B 153 12.37 0.63 -22.22
CA GLY B 153 12.79 0.53 -20.82
C GLY B 153 12.01 1.37 -19.83
N GLY B 154 10.88 1.98 -20.21
CA GLY B 154 10.11 2.77 -19.28
C GLY B 154 9.24 1.91 -18.38
N HIS B 155 8.53 2.58 -17.47
CA HIS B 155 7.65 1.88 -16.55
C HIS B 155 6.20 2.19 -16.89
N LEU B 156 5.31 1.21 -16.62
CA LEU B 156 3.87 1.37 -16.83
C LEU B 156 3.35 2.72 -16.32
N THR B 157 3.77 3.14 -15.12
CA THR B 157 3.23 4.35 -14.51
C THR B 157 3.66 5.63 -15.22
N HIS B 158 4.53 5.54 -16.22
CA HIS B 158 4.91 6.70 -16.99
C HIS B 158 4.02 6.91 -18.22
N GLY B 159 3.01 6.05 -18.40
CA GLY B 159 2.13 6.14 -19.58
C GLY B 159 2.26 4.90 -20.44
N TYR B 160 1.12 4.36 -20.83
CA TYR B 160 1.15 3.22 -21.76
C TYR B 160 -0.22 3.07 -22.41
N TYR B 161 -0.24 3.16 -23.74
CA TYR B 161 -1.41 2.79 -24.50
C TYR B 161 -0.96 1.88 -25.64
N THR B 162 -1.87 1.04 -26.11
CA THR B 162 -1.56 0.06 -27.15
C THR B 162 -1.68 0.69 -28.52
N SER B 163 -1.27 -0.07 -29.54
CA SER B 163 -1.33 0.44 -30.91
C SER B 163 -2.77 0.68 -31.34
N GLY B 164 -3.71 -0.09 -30.79
CA GLY B 164 -5.13 0.10 -31.04
C GLY B 164 -5.77 1.24 -30.27
N GLY B 165 -4.96 2.06 -29.61
CA GLY B 165 -5.47 3.15 -28.82
C GLY B 165 -5.96 2.79 -27.43
N LYS B 166 -5.85 1.53 -27.02
CA LYS B 166 -6.35 1.12 -25.71
C LYS B 166 -5.44 1.66 -24.61
N LYS B 167 -6.04 2.39 -23.66
CA LYS B 167 -5.30 3.00 -22.57
C LYS B 167 -5.13 1.96 -21.45
N ILE B 168 -3.88 1.60 -21.16
CA ILE B 168 -3.53 0.54 -20.22
C ILE B 168 -3.18 1.15 -18.87
N SER B 169 -2.16 2.00 -18.83
CA SER B 169 -1.77 2.66 -17.59
C SER B 169 -2.85 3.64 -17.13
N ALA B 170 -3.13 3.65 -15.82
CA ALA B 170 -3.96 4.71 -15.27
C ALA B 170 -3.40 6.07 -15.66
N THR B 171 -2.09 6.18 -15.82
CA THR B 171 -1.49 7.43 -16.25
C THR B 171 -2.02 7.85 -17.61
N SER B 172 -2.27 6.88 -18.49
CA SER B 172 -2.83 7.18 -19.81
C SER B 172 -4.35 7.23 -19.80
N ILE B 173 -5.00 6.71 -18.77
CA ILE B 173 -6.46 6.81 -18.66
C ILE B 173 -6.86 8.21 -18.20
N TYR B 174 -6.23 8.70 -17.13
CA TYR B 174 -6.61 9.96 -16.49
C TYR B 174 -5.80 11.17 -16.97
N PHE B 175 -4.68 10.94 -17.67
CA PHE B 175 -3.89 12.01 -18.29
C PHE B 175 -3.67 11.64 -19.75
N GLU B 176 -2.98 12.52 -20.47
CA GLU B 176 -2.67 12.32 -21.89
C GLU B 176 -1.18 12.09 -22.05
N SER B 177 -0.78 10.87 -22.38
CA SER B 177 0.63 10.56 -22.44
C SER B 177 1.11 10.38 -23.88
N LEU B 178 2.41 10.59 -24.06
CA LEU B 178 3.13 10.39 -25.26
C LEU B 178 4.52 9.90 -24.87
N PRO B 179 4.95 8.75 -25.38
CA PRO B 179 6.28 8.22 -25.02
C PRO B 179 7.40 8.78 -25.88
N TYR B 180 8.60 8.85 -25.29
CA TYR B 180 9.84 9.05 -26.05
C TYR B 180 10.69 7.78 -25.95
N LYS B 181 11.61 7.61 -26.91
CA LYS B 181 12.23 6.30 -27.13
C LYS B 181 13.75 6.38 -27.10
N VAL B 182 14.40 5.20 -26.99
CA VAL B 182 15.84 5.12 -27.24
C VAL B 182 16.09 5.15 -28.75
N ASN B 183 17.30 5.57 -29.10
CA ASN B 183 17.78 5.42 -30.46
C ASN B 183 17.82 3.93 -30.82
N SER B 184 17.26 3.57 -31.97
CA SER B 184 17.06 2.15 -32.30
C SER B 184 18.34 1.46 -32.75
N THR B 185 19.44 2.19 -32.89
CA THR B 185 20.73 1.58 -33.22
C THR B 185 21.74 1.64 -32.08
N THR B 186 21.72 2.68 -31.25
CA THR B 186 22.69 2.77 -30.17
C THR B 186 22.16 2.28 -28.84
N GLY B 187 20.83 2.27 -28.63
CA GLY B 187 20.22 1.92 -27.37
C GLY B 187 20.20 3.03 -26.34
N TYR B 188 20.86 4.15 -26.61
CA TYR B 188 20.81 5.30 -25.71
C TYR B 188 19.55 6.11 -26.00
N ILE B 189 19.10 6.85 -24.98
CA ILE B 189 17.97 7.75 -25.14
C ILE B 189 18.22 8.70 -26.30
N ASP B 190 17.19 8.94 -27.12
CA ASP B 190 17.34 9.85 -28.25
C ASP B 190 16.97 11.23 -27.73
N TYR B 191 17.99 12.00 -27.30
CA TYR B 191 17.69 13.29 -26.71
C TYR B 191 17.20 14.29 -27.75
N ASP B 192 17.62 14.12 -29.01
CA ASP B 192 17.15 15.02 -30.07
C ASP B 192 15.68 14.77 -30.38
N ARG B 193 15.27 13.50 -30.50
CA ARG B 193 13.87 13.24 -30.79
CA ARG B 193 13.87 13.23 -30.78
C ARG B 193 13.00 13.52 -29.56
N LEU B 194 13.58 13.37 -28.35
CA LEU B 194 12.87 13.78 -27.14
C LEU B 194 12.52 15.26 -27.19
N GLU B 195 13.50 16.10 -27.52
CA GLU B 195 13.26 17.53 -27.58
C GLU B 195 12.20 17.88 -28.63
N GLU B 196 12.30 17.28 -29.82
CA GLU B 196 11.35 17.58 -30.90
C GLU B 196 9.93 17.19 -30.50
N LYS B 197 9.75 16.02 -29.87
CA LYS B 197 8.43 15.62 -29.41
C LYS B 197 7.90 16.57 -28.33
N ALA B 198 8.75 16.96 -27.39
CA ALA B 198 8.30 17.84 -26.31
C ALA B 198 7.87 19.19 -26.86
N LEU B 199 8.55 19.68 -27.90
CA LEU B 199 8.16 20.94 -28.50
C LEU B 199 6.89 20.81 -29.34
N ASP B 200 6.61 19.64 -29.92
CA ASP B 200 5.35 19.47 -30.66
C ASP B 200 4.18 19.30 -29.69
N PHE B 201 4.31 18.35 -28.76
CA PHE B 201 3.26 17.85 -27.88
C PHE B 201 3.00 18.80 -26.72
N ARG B 202 4.03 19.51 -26.26
CA ARG B 202 3.93 20.45 -25.14
C ARG B 202 3.39 19.81 -23.86
N PRO B 203 4.08 18.80 -23.32
CA PRO B 203 3.61 18.18 -22.07
C PRO B 203 3.70 19.14 -20.89
N LYS B 204 2.75 19.02 -19.96
CA LYS B 204 2.90 19.76 -18.72
C LYS B 204 3.94 19.10 -17.81
N LEU B 205 4.20 17.80 -17.98
CA LEU B 205 5.17 17.07 -17.16
C LEU B 205 6.03 16.16 -18.03
N ILE B 206 7.34 16.15 -17.79
CA ILE B 206 8.25 15.21 -18.40
C ILE B 206 8.82 14.32 -17.30
N ILE B 207 8.71 13.00 -17.49
CA ILE B 207 9.25 12.01 -16.58
C ILE B 207 10.55 11.46 -17.15
N CYS B 208 11.56 11.32 -16.30
CA CYS B 208 12.78 10.58 -16.63
C CYS B 208 13.00 9.51 -15.58
N GLY B 209 13.95 8.62 -15.85
CA GLY B 209 14.08 7.40 -15.08
C GLY B 209 13.31 6.27 -15.74
N GLY B 210 13.74 5.06 -15.44
CA GLY B 210 13.15 3.91 -16.11
C GLY B 210 13.45 2.62 -15.38
N SER B 211 12.99 1.53 -15.98
CA SER B 211 13.06 0.22 -15.39
C SER B 211 14.10 -0.67 -16.04
N ALA B 212 14.38 -0.48 -17.33
CA ALA B 212 15.26 -1.39 -18.05
C ALA B 212 16.21 -0.62 -18.94
N TYR B 213 16.81 0.42 -18.38
CA TYR B 213 17.75 1.23 -19.13
C TYR B 213 19.13 1.03 -18.51
N PRO B 214 20.14 0.59 -19.27
CA PRO B 214 21.43 0.22 -18.68
C PRO B 214 22.44 1.35 -18.54
N ARG B 215 22.03 2.61 -18.72
CA ARG B 215 22.98 3.71 -18.66
C ARG B 215 22.48 4.78 -17.70
N ASP B 216 23.35 5.75 -17.39
CA ASP B 216 22.91 6.87 -16.58
C ASP B 216 22.07 7.83 -17.43
N TRP B 217 21.38 8.73 -16.73
CA TRP B 217 20.51 9.72 -17.34
C TRP B 217 21.19 11.08 -17.36
N ASP B 218 21.01 11.82 -18.45
CA ASP B 218 21.53 13.18 -18.54
C ASP B 218 20.41 14.11 -18.08
N TYR B 219 20.29 14.27 -16.75
CA TYR B 219 19.24 15.12 -16.19
C TYR B 219 19.40 16.57 -16.62
N LYS B 220 20.65 17.02 -16.73
CA LYS B 220 20.93 18.37 -17.19
C LYS B 220 20.29 18.64 -18.54
N ARG B 221 20.37 17.66 -19.45
CA ARG B 221 19.73 17.84 -20.76
C ARG B 221 18.21 17.79 -20.64
N PHE B 222 17.67 16.90 -19.79
CA PHE B 222 16.23 16.92 -19.57
C PHE B 222 15.77 18.27 -19.04
N ARG B 223 16.54 18.87 -18.14
CA ARG B 223 16.20 20.20 -17.64
C ARG B 223 16.17 21.21 -18.78
N GLU B 224 17.14 21.15 -19.71
CA GLU B 224 17.12 22.07 -20.84
C GLU B 224 15.85 21.87 -21.68
N VAL B 225 15.47 20.61 -21.92
CA VAL B 225 14.27 20.35 -22.73
C VAL B 225 13.03 20.85 -22.00
N ALA B 226 12.92 20.53 -20.71
CA ALA B 226 11.76 20.96 -19.93
C ALA B 226 11.65 22.48 -19.89
N ASP B 227 12.78 23.17 -19.67
CA ASP B 227 12.80 24.62 -19.73
C ASP B 227 12.38 25.12 -21.12
N LYS B 228 12.89 24.50 -22.19
CA LYS B 228 12.57 24.98 -23.53
C LYS B 228 11.09 24.83 -23.84
N CYS B 229 10.46 23.76 -23.36
CA CYS B 229 9.05 23.55 -23.68
C CYS B 229 8.11 24.06 -22.60
N GLY B 230 8.61 24.39 -21.41
CA GLY B 230 7.74 24.81 -20.33
C GLY B 230 7.21 23.71 -19.43
N ALA B 231 7.89 22.58 -19.34
CA ALA B 231 7.38 21.43 -18.59
C ALA B 231 7.97 21.38 -17.18
N LEU B 232 7.18 20.83 -16.26
CA LEU B 232 7.73 20.30 -15.03
C LEU B 232 8.59 19.09 -15.33
N LEU B 233 9.59 18.83 -14.49
CA LEU B 233 10.49 17.70 -14.71
C LEU B 233 10.52 16.83 -13.47
N LEU B 234 10.15 15.57 -13.64
CA LEU B 234 10.13 14.60 -12.54
C LEU B 234 11.05 13.45 -12.90
N CYS B 235 11.84 12.99 -11.93
CA CYS B 235 12.59 11.75 -12.08
C CYS B 235 11.98 10.65 -11.21
N ASP B 236 11.69 9.51 -11.83
CA ASP B 236 11.29 8.29 -11.12
C ASP B 236 12.54 7.41 -10.99
N MET B 237 13.21 7.48 -9.84
CA MET B 237 14.48 6.77 -9.61
C MET B 237 14.33 5.44 -8.89
N ALA B 238 13.15 4.81 -8.93
CA ALA B 238 12.93 3.52 -8.27
C ALA B 238 14.07 2.52 -8.47
N HIS B 239 14.49 2.28 -9.72
CA HIS B 239 15.47 1.23 -9.93
C HIS B 239 16.83 1.55 -9.34
N THR B 240 17.21 2.83 -9.26
CA THR B 240 18.59 3.16 -8.97
C THR B 240 18.74 4.02 -7.72
N SER B 241 17.67 4.16 -6.93
CA SER B 241 17.69 5.01 -5.75
C SER B 241 18.82 4.65 -4.79
N GLY B 242 19.11 3.35 -4.63
CA GLY B 242 20.27 2.97 -3.82
C GLY B 242 21.57 3.52 -4.39
N LEU B 243 21.73 3.48 -5.70
CA LEU B 243 22.93 4.07 -6.30
C LEU B 243 22.94 5.58 -6.12
N VAL B 244 21.78 6.21 -6.27
CA VAL B 244 21.69 7.66 -6.04
C VAL B 244 22.10 8.00 -4.61
N ALA B 245 21.55 7.28 -3.62
CA ALA B 245 21.90 7.58 -2.24
C ALA B 245 23.41 7.49 -2.02
N ALA B 246 24.05 6.50 -2.63
CA ALA B 246 25.49 6.34 -2.46
C ALA B 246 26.31 7.24 -3.37
N GLN B 247 25.66 8.16 -4.10
CA GLN B 247 26.34 9.05 -5.06
C GLN B 247 27.21 8.26 -6.04
N GLU B 248 26.68 7.12 -6.50
CA GLU B 248 27.34 6.30 -7.50
C GLU B 248 26.78 6.51 -8.91
N VAL B 249 25.66 7.22 -9.05
CA VAL B 249 25.16 7.66 -10.35
C VAL B 249 24.84 9.16 -10.26
N ASN B 250 24.43 9.75 -11.39
CA ASN B 250 24.04 11.15 -11.41
C ASN B 250 22.87 11.37 -10.46
N SER B 251 22.88 12.48 -9.72
CA SER B 251 21.77 12.83 -8.83
C SER B 251 20.67 13.55 -9.62
N PRO B 252 19.44 13.02 -9.67
CA PRO B 252 18.34 13.77 -10.30
C PRO B 252 17.97 15.02 -9.54
N PHE B 253 18.34 15.10 -8.25
CA PHE B 253 17.96 16.23 -7.43
C PHE B 253 18.55 17.53 -7.96
N GLU B 254 19.73 17.48 -8.60
CA GLU B 254 20.34 18.70 -9.10
C GLU B 254 19.50 19.41 -10.16
N TYR B 255 18.61 18.68 -10.84
CA TYR B 255 17.92 19.25 -12.01
C TYR B 255 16.40 19.07 -12.03
N CYS B 256 15.84 18.17 -11.24
CA CYS B 256 14.42 17.85 -11.31
C CYS B 256 13.62 18.58 -10.22
N ASP B 257 12.36 18.88 -10.55
CA ASP B 257 11.45 19.51 -9.60
C ASP B 257 10.97 18.53 -8.54
N ILE B 258 10.69 17.29 -8.96
CA ILE B 258 10.12 16.25 -8.11
C ILE B 258 10.88 14.97 -8.40
N VAL B 259 11.14 14.19 -7.36
CA VAL B 259 11.79 12.88 -7.49
C VAL B 259 10.93 11.86 -6.76
N THR B 260 10.40 10.89 -7.50
CA THR B 260 9.70 9.79 -6.88
C THR B 260 10.58 8.55 -6.87
N THR B 261 10.22 7.60 -6.00
CA THR B 261 10.96 6.35 -5.91
C THR B 261 10.15 5.35 -5.08
N THR B 262 10.40 4.07 -5.35
CA THR B 262 10.14 3.00 -4.41
C THR B 262 11.16 3.03 -3.29
N THR B 263 10.93 2.20 -2.28
CA THR B 263 11.91 2.09 -1.22
C THR B 263 12.51 0.70 -1.13
N HIS B 264 12.00 -0.24 -1.91
CA HIS B 264 12.63 -1.52 -2.07
C HIS B 264 13.64 -1.44 -3.25
N1 LLP B 265 8.57 3.16 -11.22
C2 LLP B 265 9.66 2.48 -11.57
C2' LLP B 265 10.73 3.11 -12.49
C3 LLP B 265 9.81 1.15 -11.11
O3 LLP B 265 10.96 0.46 -11.50
C4 LLP B 265 8.87 0.55 -10.29
C4' LLP B 265 9.17 -0.95 -9.82
C5 LLP B 265 7.75 1.27 -9.93
C6 LLP B 265 7.59 2.57 -10.42
C5' LLP B 265 6.55 0.76 -9.06
OP4 LLP B 265 6.84 0.21 -7.80
P LLP B 265 5.72 -0.65 -7.16
OP1 LLP B 265 5.99 -0.75 -5.66
OP2 LLP B 265 5.70 -1.99 -7.81
OP3 LLP B 265 4.36 -0.01 -7.42
N LLP B 265 13.72 -2.47 -4.09
CA LLP B 265 14.72 -2.48 -5.21
CB LLP B 265 14.31 -1.55 -6.34
CG LLP B 265 12.82 -1.84 -6.68
CD LLP B 265 12.38 -1.16 -7.98
CE LLP B 265 11.00 -1.72 -8.41
NZ LLP B 265 10.60 -1.08 -9.68
C LLP B 265 16.10 -2.16 -4.67
O LLP B 265 16.46 -2.72 -3.65
N SER B 266 16.85 -1.25 -5.30
CA SER B 266 18.28 -1.10 -4.94
C SER B 266 18.47 -0.33 -3.62
N LEU B 267 17.42 0.34 -3.13
CA LEU B 267 17.47 0.96 -1.81
C LEU B 267 17.38 -0.07 -0.67
N ARG B 268 16.86 -1.26 -0.94
CA ARG B 268 16.93 -2.40 -0.02
C ARG B 268 16.05 -2.22 1.22
N GLY B 269 14.98 -1.44 1.08
CA GLY B 269 14.07 -1.23 2.17
C GLY B 269 12.80 -2.03 2.02
N PRO B 270 11.79 -1.66 2.80
CA PRO B 270 10.46 -2.26 2.63
C PRO B 270 9.85 -1.82 1.30
N ARG B 271 8.73 -2.45 0.96
CA ARG B 271 7.93 -2.00 -0.18
C ARG B 271 7.11 -0.80 0.24
N ALA B 272 7.51 0.37 -0.25
CA ALA B 272 6.83 1.64 0.02
C ALA B 272 7.24 2.59 -1.10
N GLY B 273 6.76 3.84 -1.01
CA GLY B 273 7.13 4.87 -1.94
C GLY B 273 7.41 6.17 -1.23
N MET B 274 8.07 7.08 -1.94
CA MET B 274 8.44 8.39 -1.41
C MET B 274 8.27 9.42 -2.52
N ILE B 275 7.93 10.65 -2.14
CA ILE B 275 7.88 11.77 -3.09
C ILE B 275 8.73 12.91 -2.54
N PHE B 276 9.86 13.19 -3.19
CA PHE B 276 10.69 14.36 -2.90
C PHE B 276 10.25 15.52 -3.78
N TYR B 277 10.33 16.74 -3.24
CA TYR B 277 9.90 17.93 -3.94
C TYR B 277 10.71 19.13 -3.48
N ARG B 278 10.93 20.08 -4.39
CA ARG B 278 11.72 21.27 -4.07
C ARG B 278 10.95 22.23 -3.19
N LYS B 279 11.71 22.99 -2.39
CA LYS B 279 11.20 24.01 -1.49
C LYS B 279 12.05 25.26 -1.61
N GLY B 280 11.52 26.39 -1.13
CA GLY B 280 12.30 27.60 -1.03
C GLY B 280 12.35 28.39 -2.32
N PRO B 281 13.36 29.26 -2.46
CA PRO B 281 13.39 30.17 -3.62
C PRO B 281 13.58 29.42 -4.92
N LYS B 282 12.80 29.80 -5.93
CA LYS B 282 13.02 29.25 -7.25
C LYS B 282 14.32 29.81 -7.81
N PRO B 283 15.10 29.01 -8.54
CA PRO B 283 16.44 29.45 -8.92
C PRO B 283 16.35 30.64 -9.87
N PRO B 284 17.40 31.50 -9.90
CA PRO B 284 17.36 32.74 -10.68
C PRO B 284 16.71 32.62 -12.06
N LYS B 285 15.64 33.40 -12.26
CA LYS B 285 14.84 33.43 -13.50
C LYS B 285 14.74 32.07 -14.21
N GLU B 290 9.15 36.92 -9.96
CA GLU B 290 10.34 37.47 -9.29
C GLU B 290 10.30 37.20 -7.78
N ASN B 291 11.42 36.70 -7.25
CA ASN B 291 11.54 36.34 -5.84
CA ASN B 291 11.55 36.32 -5.85
C ASN B 291 10.44 35.35 -5.41
N ALA B 292 9.98 34.55 -6.35
CA ALA B 292 8.96 33.56 -6.07
C ALA B 292 9.60 32.29 -5.50
N VAL B 293 8.77 31.48 -4.88
CA VAL B 293 9.23 30.26 -4.23
C VAL B 293 8.48 29.08 -4.82
N TYR B 294 9.02 27.90 -4.55
CA TYR B 294 8.39 26.66 -4.97
C TYR B 294 7.08 26.46 -4.23
N ASP B 295 6.15 25.77 -4.89
CA ASP B 295 4.78 25.64 -4.41
C ASP B 295 4.33 24.18 -4.39
N PHE B 296 5.28 23.23 -4.28
CA PHE B 296 4.94 21.83 -4.40
C PHE B 296 4.52 21.18 -3.08
N GLU B 297 5.06 21.65 -1.95
CA GLU B 297 4.95 20.90 -0.69
C GLU B 297 3.50 20.61 -0.33
N ASP B 298 2.67 21.64 -0.27
CA ASP B 298 1.29 21.47 0.19
C ASP B 298 0.48 20.64 -0.80
N LYS B 299 0.64 20.91 -2.10
CA LYS B 299 -0.09 20.15 -3.11
C LYS B 299 0.28 18.66 -3.05
N ILE B 300 1.56 18.35 -2.87
CA ILE B 300 1.99 16.96 -2.81
C ILE B 300 1.36 16.27 -1.61
N ASN B 301 1.54 16.87 -0.43
CA ASN B 301 0.98 16.26 0.77
C ASN B 301 -0.53 16.04 0.63
N PHE B 302 -1.21 17.02 0.05
CA PHE B 302 -2.67 16.96 -0.05
C PHE B 302 -3.12 15.88 -1.04
N ALA B 303 -2.41 15.73 -2.16
CA ALA B 303 -2.69 14.64 -3.08
C ALA B 303 -2.59 13.28 -2.38
N VAL B 304 -1.52 13.05 -1.62
CA VAL B 304 -1.38 11.79 -0.89
C VAL B 304 -2.54 11.62 0.08
N PHE B 305 -2.77 12.62 0.94
CA PHE B 305 -3.93 12.60 1.87
C PHE B 305 -4.40 14.03 2.06
N PRO B 306 -5.71 14.33 1.93
CA PRO B 306 -6.84 13.40 1.82
C PRO B 306 -7.25 12.90 0.41
N SER B 307 -6.60 13.35 -0.66
CA SER B 307 -7.19 13.09 -1.98
C SER B 307 -7.16 11.59 -2.31
N LEU B 308 -6.02 10.92 -2.13
CA LEU B 308 -5.87 9.59 -2.70
C LEU B 308 -5.82 8.45 -1.69
N GLN B 309 -5.10 8.60 -0.57
CA GLN B 309 -4.89 7.47 0.34
C GLN B 309 -5.74 7.63 1.60
N GLY B 310 -5.84 6.55 2.36
CA GLY B 310 -6.42 6.62 3.67
C GLY B 310 -5.32 6.69 4.72
N GLY B 311 -5.43 5.87 5.74
CA GLY B 311 -4.44 5.87 6.79
C GLY B 311 -3.12 5.38 6.24
N PRO B 312 -2.02 6.04 6.61
CA PRO B 312 -0.70 5.53 6.24
C PRO B 312 -0.43 4.20 6.93
N HIS B 313 0.45 3.42 6.31
CA HIS B 313 0.83 2.12 6.86
C HIS B 313 2.07 2.36 7.71
N ASN B 314 1.86 2.56 9.02
CA ASN B 314 2.95 3.03 9.86
C ASN B 314 4.05 1.99 10.05
N HIS B 315 3.74 0.70 9.91
CA HIS B 315 4.78 -0.32 9.96
C HIS B 315 5.74 -0.18 8.78
N GLN B 316 5.23 0.21 7.60
CA GLN B 316 6.07 0.47 6.43
C GLN B 316 6.93 1.70 6.67
N ILE B 317 6.37 2.72 7.31
CA ILE B 317 7.12 3.93 7.55
C ILE B 317 8.22 3.68 8.57
N GLY B 318 7.91 2.94 9.64
CA GLY B 318 8.94 2.56 10.59
C GLY B 318 10.04 1.72 9.94
N ALA B 319 9.64 0.70 9.19
CA ALA B 319 10.61 -0.14 8.47
C ALA B 319 11.40 0.70 7.47
N LEU B 320 10.73 1.62 6.78
CA LEU B 320 11.42 2.52 5.84
C LEU B 320 12.45 3.36 6.57
N ALA B 321 12.09 3.93 7.73
CA ALA B 321 13.04 4.70 8.50
C ALA B 321 14.28 3.88 8.83
N VAL B 322 14.10 2.59 9.13
CA VAL B 322 15.23 1.71 9.41
C VAL B 322 16.11 1.59 8.17
N ALA B 323 15.48 1.33 7.03
CA ALA B 323 16.21 1.14 5.79
C ALA B 323 16.98 2.41 5.43
N LEU B 324 16.42 3.58 5.74
CA LEU B 324 17.08 4.83 5.36
C LEU B 324 18.28 5.14 6.23
N LYS B 325 18.25 4.76 7.52
CA LYS B 325 19.48 4.81 8.30
C LYS B 325 20.52 3.86 7.76
N GLN B 326 20.11 2.64 7.40
CA GLN B 326 21.05 1.69 6.83
C GLN B 326 21.63 2.20 5.50
N ALA B 327 20.80 2.86 4.68
CA ALA B 327 21.27 3.40 3.42
C ALA B 327 22.30 4.52 3.58
N ALA B 328 22.36 5.14 4.76
CA ALA B 328 23.35 6.17 5.02
C ALA B 328 24.66 5.64 5.59
N SER B 329 24.81 4.33 5.72
CA SER B 329 26.01 3.79 6.36
C SER B 329 27.14 3.65 5.34
N PRO B 330 28.41 3.66 5.81
CA PRO B 330 29.51 3.41 4.85
C PRO B 330 29.36 2.06 4.18
N GLY B 331 28.85 1.06 4.92
CA GLY B 331 28.64 -0.26 4.33
C GLY B 331 27.69 -0.24 3.13
N PHE B 332 26.66 0.61 3.18
CA PHE B 332 25.74 0.69 2.04
C PHE B 332 26.39 1.36 0.84
N LYS B 333 27.22 2.38 1.06
CA LYS B 333 27.95 2.95 -0.08
C LYS B 333 28.83 1.89 -0.74
N ALA B 334 29.48 1.04 0.08
CA ALA B 334 30.28 -0.05 -0.46
C ALA B 334 29.41 -1.07 -1.21
N TYR B 335 28.19 -1.29 -0.72
CA TYR B 335 27.26 -2.19 -1.42
C TYR B 335 26.92 -1.64 -2.81
N ALA B 336 26.50 -0.37 -2.89
CA ALA B 336 26.16 0.22 -4.20
C ALA B 336 27.35 0.16 -5.15
N LYS B 337 28.55 0.44 -4.64
CA LYS B 337 29.75 0.29 -5.46
C LYS B 337 29.86 -1.15 -5.98
N GLN B 338 29.66 -2.12 -5.10
CA GLN B 338 29.80 -3.52 -5.49
C GLN B 338 28.72 -3.94 -6.47
N VAL B 339 27.49 -3.46 -6.28
CA VAL B 339 26.42 -3.73 -7.23
C VAL B 339 26.88 -3.32 -8.63
N LYS B 340 27.42 -2.11 -8.74
CA LYS B 340 27.87 -1.61 -10.04
C LYS B 340 29.01 -2.44 -10.61
N ALA B 341 29.96 -2.82 -9.78
CA ALA B 341 31.10 -3.60 -10.25
C ALA B 341 30.69 -5.01 -10.65
N ASN B 342 29.70 -5.58 -9.96
CA ASN B 342 29.22 -6.92 -10.30
C ASN B 342 28.49 -6.93 -11.64
N ALA B 343 27.63 -5.94 -11.87
CA ALA B 343 26.96 -5.82 -13.16
C ALA B 343 27.97 -5.63 -14.29
N VAL B 344 28.99 -4.80 -14.08
CA VAL B 344 30.05 -4.62 -15.09
C VAL B 344 30.77 -5.92 -15.38
N ALA B 345 31.21 -6.64 -14.32
CA ALA B 345 32.01 -7.84 -14.52
C ALA B 345 31.18 -8.96 -15.13
N LEU B 346 29.90 -9.01 -14.80
CA LEU B 346 28.98 -9.93 -15.46
C LEU B 346 28.87 -9.58 -16.95
N GLY B 347 28.60 -8.32 -17.26
CA GLY B 347 28.53 -7.91 -18.66
C GLY B 347 29.81 -8.21 -19.42
N LYS B 348 30.98 -7.90 -18.83
CA LYS B 348 32.23 -8.13 -19.55
C LYS B 348 32.45 -9.61 -19.77
N TYR B 349 32.02 -10.43 -18.81
CA TYR B 349 32.10 -11.88 -18.98
C TYR B 349 31.24 -12.34 -20.15
N LEU B 350 29.99 -11.86 -20.21
CA LEU B 350 29.12 -12.25 -21.32
C LEU B 350 29.69 -11.79 -22.65
N MET B 351 30.19 -10.55 -22.71
CA MET B 351 30.75 -10.06 -23.97
C MET B 351 32.00 -10.85 -24.36
N GLY B 352 32.81 -11.24 -23.38
CA GLY B 352 33.94 -12.10 -23.65
C GLY B 352 33.55 -13.39 -24.32
N LYS B 353 32.30 -13.82 -24.15
CA LYS B 353 31.79 -15.02 -24.79
C LYS B 353 31.23 -14.73 -26.19
N GLY B 354 31.26 -13.48 -26.64
CA GLY B 354 30.68 -13.12 -27.91
C GLY B 354 29.23 -12.68 -27.84
N TYR B 355 28.68 -12.48 -26.63
CA TYR B 355 27.31 -12.03 -26.49
C TYR B 355 27.25 -10.51 -26.66
N SER B 356 26.05 -10.03 -26.94
CA SER B 356 25.79 -8.62 -27.21
C SER B 356 24.96 -8.03 -26.08
N LEU B 357 25.41 -6.91 -25.54
CA LEU B 357 24.63 -6.13 -24.60
C LEU B 357 24.20 -4.85 -25.29
N VAL B 358 22.96 -4.42 -25.03
CA VAL B 358 22.52 -3.12 -25.52
C VAL B 358 23.40 -2.04 -24.90
N THR B 359 23.94 -1.18 -25.74
CA THR B 359 24.91 -0.11 -25.48
C THR B 359 26.30 -0.66 -25.17
N GLY B 360 26.47 -1.98 -25.18
CA GLY B 360 27.81 -2.54 -25.00
C GLY B 360 28.34 -2.51 -23.59
N GLY B 361 27.47 -2.46 -22.59
CA GLY B 361 27.90 -2.41 -21.20
C GLY B 361 26.80 -1.81 -20.33
N THR B 362 27.20 -1.39 -19.12
CA THR B 362 26.26 -0.80 -18.16
C THR B 362 26.96 0.28 -17.37
N GLU B 363 26.15 1.19 -16.84
CA GLU B 363 26.60 2.22 -15.91
C GLU B 363 25.85 2.11 -14.58
N ASN B 364 25.02 1.07 -14.43
CA ASN B 364 24.24 0.95 -13.21
C ASN B 364 24.19 -0.49 -12.75
N HIS B 365 23.04 -0.93 -12.26
CA HIS B 365 22.87 -2.22 -11.60
C HIS B 365 22.47 -3.33 -12.56
N LEU B 366 22.20 -3.03 -13.84
CA LEU B 366 21.68 -4.09 -14.70
C LEU B 366 22.39 -4.10 -16.05
N VAL B 367 22.24 -5.22 -16.74
CA VAL B 367 22.58 -5.27 -18.15
C VAL B 367 21.37 -5.70 -18.94
N LEU B 368 21.33 -5.31 -20.20
CA LEU B 368 20.29 -5.74 -21.13
C LEU B 368 20.97 -6.55 -22.23
N TRP B 369 20.61 -7.82 -22.32
CA TRP B 369 21.30 -8.77 -23.19
C TRP B 369 20.48 -9.00 -24.46
N ASP B 370 21.06 -8.66 -25.62
CA ASP B 370 20.38 -8.79 -26.91
C ASP B 370 20.61 -10.20 -27.44
N LEU B 371 19.55 -10.98 -27.54
CA LEU B 371 19.66 -12.37 -27.95
C LEU B 371 19.36 -12.58 -29.43
N ARG B 372 18.82 -11.57 -30.11
CA ARG B 372 18.51 -11.74 -31.54
C ARG B 372 19.71 -12.17 -32.36
N PRO B 373 20.94 -11.74 -32.10
CA PRO B 373 22.07 -12.25 -32.91
C PRO B 373 22.27 -13.75 -32.77
N LEU B 374 21.77 -14.37 -31.71
CA LEU B 374 21.82 -15.81 -31.59
C LEU B 374 20.60 -16.49 -32.20
N GLY B 375 19.65 -15.72 -32.72
CA GLY B 375 18.43 -16.33 -33.21
C GLY B 375 17.51 -16.81 -32.12
N LEU B 376 17.57 -16.23 -30.92
CA LEU B 376 16.72 -16.63 -29.81
C LEU B 376 15.81 -15.48 -29.39
N THR B 377 14.73 -15.83 -28.71
CA THR B 377 13.88 -14.87 -28.04
C THR B 377 14.17 -14.86 -26.56
N GLY B 378 13.90 -13.71 -25.92
CA GLY B 378 14.05 -13.63 -24.47
C GLY B 378 13.27 -14.69 -23.71
N TYR B 379 12.06 -15.01 -24.18
CA TYR B 379 11.20 -15.98 -23.49
C TYR B 379 11.88 -17.33 -23.37
N LYS B 380 12.44 -17.84 -24.46
CA LYS B 380 13.07 -19.15 -24.42
C LYS B 380 14.16 -19.20 -23.37
N VAL B 381 15.03 -18.19 -23.32
CA VAL B 381 16.10 -18.17 -22.34
C VAL B 381 15.54 -18.00 -20.92
N GLU B 382 14.55 -17.11 -20.75
CA GLU B 382 13.92 -16.94 -19.44
C GLU B 382 13.32 -18.23 -18.93
N LYS B 383 12.59 -18.94 -19.80
CA LYS B 383 11.98 -20.21 -19.43
C LYS B 383 13.00 -21.25 -18.97
N LEU B 384 14.12 -21.38 -19.70
CA LEU B 384 15.10 -22.40 -19.35
C LEU B 384 15.88 -22.03 -18.10
N CYS B 385 16.26 -20.76 -17.99
CA CYS B 385 16.82 -20.27 -16.72
C CYS B 385 15.88 -20.57 -15.57
N ASP B 386 14.59 -20.27 -15.74
CA ASP B 386 13.60 -20.46 -14.68
C ASP B 386 13.54 -21.92 -14.25
N LEU B 387 13.63 -22.84 -15.22
CA LEU B 387 13.69 -24.27 -14.92
C LEU B 387 14.95 -24.64 -14.14
N CYS B 388 15.97 -23.79 -14.18
CA CYS B 388 17.17 -24.00 -13.38
C CYS B 388 17.21 -23.10 -12.15
N ASN B 389 16.11 -22.43 -11.81
CA ASN B 389 16.04 -21.52 -10.66
C ASN B 389 16.94 -20.31 -10.80
N ILE B 390 17.29 -19.95 -12.04
CA ILE B 390 17.88 -18.66 -12.35
C ILE B 390 16.74 -17.77 -12.81
N THR B 391 16.49 -16.69 -12.09
CA THR B 391 15.36 -15.83 -12.41
C THR B 391 15.86 -14.57 -13.12
N VAL B 392 15.60 -14.50 -14.43
CA VAL B 392 15.79 -13.26 -15.19
C VAL B 392 14.43 -12.95 -15.76
N ASN B 393 14.30 -11.87 -16.55
CA ASN B 393 13.06 -11.66 -17.27
C ASN B 393 13.33 -11.14 -18.68
N LYS B 394 12.46 -11.56 -19.60
CA LYS B 394 12.53 -11.12 -20.99
C LYS B 394 12.26 -9.62 -21.12
N ASN B 395 12.89 -9.00 -22.11
CA ASN B 395 12.78 -7.55 -22.28
C ASN B 395 13.04 -7.16 -23.73
N ALA B 396 12.26 -6.19 -24.23
CA ALA B 396 12.50 -5.64 -25.56
C ALA B 396 13.87 -4.94 -25.61
N VAL B 397 14.45 -4.90 -26.81
CA VAL B 397 15.76 -4.33 -27.03
C VAL B 397 15.69 -3.26 -28.12
N PHE B 398 16.46 -2.19 -27.94
CA PHE B 398 16.54 -1.06 -28.87
C PHE B 398 15.18 -0.41 -29.10
N GLY B 399 14.28 -0.54 -28.14
CA GLY B 399 12.97 0.08 -28.26
C GLY B 399 12.06 -0.56 -29.27
N ASP B 400 12.32 -1.80 -29.65
CA ASP B 400 11.54 -2.45 -30.71
C ASP B 400 10.12 -2.69 -30.22
N SER B 401 9.16 -1.99 -30.83
CA SER B 401 7.75 -2.14 -30.48
C SER B 401 7.05 -3.21 -31.32
N SER B 402 7.78 -3.92 -32.19
CA SER B 402 7.19 -4.95 -33.03
C SER B 402 6.39 -5.95 -32.19
N ALA B 403 5.41 -6.58 -32.83
CA ALA B 403 4.75 -7.73 -32.23
C ALA B 403 5.72 -8.89 -32.03
N LEU B 404 6.89 -8.85 -32.68
CA LEU B 404 7.89 -9.87 -32.48
C LEU B 404 8.17 -10.03 -30.99
N ALA B 405 8.17 -11.27 -30.52
CA ALA B 405 8.44 -11.52 -29.11
C ALA B 405 9.72 -10.80 -28.70
N PRO B 406 9.78 -10.27 -27.48
CA PRO B 406 10.94 -9.45 -27.09
C PRO B 406 12.26 -10.18 -27.31
N GLY B 407 13.27 -9.44 -27.76
CA GLY B 407 14.53 -10.01 -28.20
C GLY B 407 15.65 -10.13 -27.18
N GLY B 408 15.39 -9.91 -25.89
CA GLY B 408 16.46 -9.88 -24.91
C GLY B 408 16.04 -10.36 -23.53
N VAL B 409 16.99 -10.33 -22.59
CA VAL B 409 16.71 -10.51 -21.17
C VAL B 409 17.36 -9.38 -20.38
N ARG B 410 16.71 -9.01 -19.27
CA ARG B 410 17.21 -8.04 -18.31
C ARG B 410 17.76 -8.78 -17.09
N ILE B 411 18.93 -8.36 -16.62
CA ILE B 411 19.65 -9.05 -15.56
C ILE B 411 20.18 -7.99 -14.59
N GLY B 412 19.87 -8.13 -13.30
CA GLY B 412 20.30 -7.16 -12.30
C GLY B 412 21.21 -7.78 -11.25
N ALA B 413 22.05 -6.94 -10.64
CA ALA B 413 22.98 -7.37 -9.59
C ALA B 413 22.55 -7.13 -8.13
N PRO B 414 21.57 -6.25 -7.83
CA PRO B 414 21.30 -5.95 -6.40
C PRO B 414 21.06 -7.16 -5.52
N ALA B 415 20.28 -8.15 -5.96
CA ALA B 415 19.82 -9.19 -5.04
C ALA B 415 20.95 -10.12 -4.59
N MET B 416 21.62 -10.79 -5.55
CA MET B 416 22.86 -11.51 -5.28
C MET B 416 23.96 -10.66 -4.62
N THR B 417 24.10 -9.38 -4.96
CA THR B 417 25.12 -8.60 -4.26
C THR B 417 24.79 -8.51 -2.78
N SER B 418 23.50 -8.38 -2.45
CA SER B 418 23.09 -8.37 -1.06
C SER B 418 23.40 -9.67 -0.34
N ARG B 419 23.51 -10.79 -1.05
CA ARG B 419 23.91 -12.02 -0.39
C ARG B 419 25.43 -12.15 -0.28
N GLY B 420 26.18 -11.12 -0.66
CA GLY B 420 27.61 -11.11 -0.51
C GLY B 420 28.43 -11.49 -1.71
N LEU B 421 27.83 -11.63 -2.89
CA LEU B 421 28.60 -12.05 -4.07
C LEU B 421 29.42 -10.90 -4.62
N VAL B 422 30.67 -11.18 -5.00
CA VAL B 422 31.52 -10.16 -5.62
C VAL B 422 31.81 -10.55 -7.07
N GLU B 423 32.81 -9.91 -7.70
CA GLU B 423 33.00 -10.03 -9.15
C GLU B 423 33.20 -11.47 -9.59
N LYS B 424 34.15 -12.16 -8.96
CA LYS B 424 34.37 -13.57 -9.26
C LYS B 424 33.07 -14.37 -9.18
N ASP B 425 32.20 -14.04 -8.22
CA ASP B 425 30.95 -14.78 -8.13
C ASP B 425 30.03 -14.43 -9.30
N PHE B 426 29.99 -13.16 -9.70
CA PHE B 426 29.17 -12.81 -10.85
C PHE B 426 29.78 -13.30 -12.16
N GLU B 427 31.10 -13.52 -12.22
CA GLU B 427 31.64 -14.20 -13.38
C GLU B 427 31.15 -15.64 -13.46
N GLN B 428 31.01 -16.30 -12.31
CA GLN B 428 30.42 -17.63 -12.28
C GLN B 428 28.95 -17.63 -12.70
N ILE B 429 28.20 -16.61 -12.27
CA ILE B 429 26.82 -16.46 -12.75
C ILE B 429 26.79 -16.36 -14.27
N GLY B 430 27.73 -15.60 -14.85
CA GLY B 430 27.81 -15.52 -16.29
C GLY B 430 28.06 -16.88 -16.92
N GLU B 431 28.90 -17.70 -16.27
CA GLU B 431 29.12 -19.07 -16.73
C GLU B 431 27.82 -19.86 -16.77
N PHE B 432 27.02 -19.74 -15.71
CA PHE B 432 25.74 -20.46 -15.68
C PHE B 432 24.80 -19.98 -16.77
N LEU B 433 24.76 -18.65 -16.99
CA LEU B 433 23.96 -18.10 -18.09
C LEU B 433 24.48 -18.56 -19.44
N HIS B 434 25.80 -18.57 -19.62
CA HIS B 434 26.39 -19.12 -20.83
C HIS B 434 25.89 -20.55 -21.07
N ARG B 435 26.00 -21.41 -20.07
CA ARG B 435 25.47 -22.77 -20.20
C ARG B 435 23.97 -22.78 -20.49
N ALA B 436 23.23 -21.84 -19.89
CA ALA B 436 21.79 -21.80 -20.12
C ALA B 436 21.48 -21.48 -21.58
N VAL B 437 22.18 -20.50 -22.16
CA VAL B 437 21.94 -20.14 -23.55
C VAL B 437 22.39 -21.26 -24.48
N THR B 438 23.50 -21.92 -24.13
CA THR B 438 23.96 -23.05 -24.93
C THR B 438 22.92 -24.16 -24.96
N LEU B 439 22.35 -24.50 -23.81
CA LEU B 439 21.31 -25.53 -23.78
C LEU B 439 20.07 -25.08 -24.55
N THR B 440 19.74 -23.79 -24.47
CA THR B 440 18.61 -23.25 -25.23
C THR B 440 18.85 -23.40 -26.73
N LEU B 441 20.08 -23.16 -27.17
CA LEU B 441 20.39 -23.31 -28.60
C LEU B 441 20.37 -24.77 -29.01
N GLU B 442 20.94 -25.67 -28.19
CA GLU B 442 20.91 -27.09 -28.53
C GLU B 442 19.48 -27.57 -28.68
N ILE B 443 18.58 -27.10 -27.82
CA ILE B 443 17.18 -27.51 -27.92
C ILE B 443 16.56 -26.95 -29.19
N GLN B 444 16.79 -25.67 -29.46
CA GLN B 444 16.26 -25.07 -30.68
C GLN B 444 16.77 -25.80 -31.91
N LYS B 445 18.06 -26.15 -31.91
CA LYS B 445 18.62 -26.88 -33.05
C LYS B 445 18.01 -28.27 -33.18
N GLU B 446 17.78 -28.95 -32.07
CA GLU B 446 17.25 -30.31 -32.20
C GLU B 446 15.76 -30.29 -32.55
N HIS B 447 14.97 -29.42 -31.92
CA HIS B 447 13.53 -29.48 -32.05
C HIS B 447 12.90 -28.39 -32.93
N GLY B 448 13.47 -27.18 -32.98
CA GLY B 448 12.97 -26.18 -33.92
C GLY B 448 12.68 -24.82 -33.33
N LYS B 449 12.59 -23.80 -34.19
CA LYS B 449 12.53 -22.41 -33.72
C LYS B 449 11.18 -22.10 -33.10
N LEU B 450 10.10 -22.62 -33.68
CA LEU B 450 8.77 -22.29 -33.21
C LEU B 450 8.60 -22.70 -31.75
N LEU B 451 7.82 -21.89 -31.02
CA LEU B 451 7.68 -22.08 -29.58
C LEU B 451 7.15 -23.47 -29.24
N LYS B 452 6.15 -23.95 -30.00
CA LYS B 452 5.63 -25.29 -29.76
C LYS B 452 6.74 -26.33 -29.75
N ASP B 453 7.68 -26.22 -30.72
CA ASP B 453 8.77 -27.17 -30.82
C ASP B 453 9.73 -27.05 -29.65
N PHE B 454 10.10 -25.81 -29.32
CA PHE B 454 11.07 -25.57 -28.24
C PHE B 454 10.63 -26.25 -26.96
N ASN B 455 9.35 -26.15 -26.61
CA ASN B 455 8.89 -26.72 -25.35
C ASN B 455 9.10 -28.23 -25.31
N LYS B 456 9.05 -28.90 -26.47
CA LYS B 456 9.26 -30.34 -26.51
C LYS B 456 10.62 -30.72 -25.92
N GLY B 457 11.63 -29.87 -26.14
CA GLY B 457 12.96 -30.14 -25.63
C GLY B 457 13.15 -29.87 -24.16
N LEU B 458 12.15 -29.32 -23.48
CA LEU B 458 12.24 -29.11 -22.04
C LEU B 458 11.77 -30.32 -21.25
N VAL B 459 10.97 -31.19 -21.87
CA VAL B 459 10.41 -32.37 -21.21
C VAL B 459 11.55 -33.33 -20.83
N ASN B 460 11.81 -33.46 -19.53
CA ASN B 460 12.74 -34.47 -19.02
C ASN B 460 14.13 -34.31 -19.64
N ASN B 461 14.59 -33.07 -19.72
CA ASN B 461 15.92 -32.75 -20.24
C ASN B 461 16.95 -32.97 -19.14
N LYS B 462 17.79 -34.00 -19.30
CA LYS B 462 18.82 -34.26 -18.29
C LYS B 462 19.71 -33.04 -18.09
N ALA B 463 20.32 -32.54 -19.18
CA ALA B 463 21.26 -31.42 -19.08
C ALA B 463 20.69 -30.22 -18.34
N ILE B 464 19.38 -29.99 -18.43
CA ILE B 464 18.77 -28.92 -17.64
C ILE B 464 18.84 -29.28 -16.17
N GLU B 465 18.63 -30.57 -15.84
CA GLU B 465 18.67 -31.01 -14.45
C GLU B 465 20.07 -30.86 -13.85
N ASP B 466 21.13 -31.07 -14.64
CA ASP B 466 22.47 -30.86 -14.10
C ASP B 466 22.76 -29.40 -13.84
N LEU B 467 22.36 -28.51 -14.75
CA LEU B 467 22.58 -27.08 -14.50
C LEU B 467 21.80 -26.62 -13.29
N LYS B 468 20.55 -27.10 -13.16
CA LYS B 468 19.73 -26.78 -12.00
C LYS B 468 20.41 -27.26 -10.71
N ALA B 469 20.97 -28.46 -10.74
CA ALA B 469 21.73 -28.94 -9.59
C ALA B 469 22.96 -28.07 -9.36
N ASP B 470 23.63 -27.67 -10.43
CA ASP B 470 24.83 -26.86 -10.30
C ASP B 470 24.51 -25.50 -9.65
N VAL B 471 23.40 -24.88 -10.03
CA VAL B 471 23.15 -23.55 -9.50
C VAL B 471 22.66 -23.61 -8.06
N GLU B 472 21.93 -24.66 -7.68
CA GLU B 472 21.52 -24.82 -6.28
C GLU B 472 22.73 -24.94 -5.37
N LYS B 473 23.70 -25.78 -5.75
CA LYS B 473 24.87 -25.95 -4.90
C LYS B 473 25.68 -24.66 -4.82
N PHE B 474 25.81 -23.95 -5.93
CA PHE B 474 26.42 -22.62 -5.90
C PHE B 474 25.64 -21.68 -5.01
N SER B 475 24.30 -21.67 -5.17
CA SER B 475 23.45 -20.76 -4.42
C SER B 475 23.61 -20.96 -2.91
N ALA B 476 23.70 -22.22 -2.48
CA ALA B 476 23.80 -22.54 -1.06
C ALA B 476 25.12 -22.14 -0.43
N LEU B 477 26.13 -21.72 -1.21
CA LEU B 477 27.40 -21.29 -0.61
C LEU B 477 27.36 -19.91 0.05
N PHE B 478 26.28 -19.14 -0.11
CA PHE B 478 26.28 -17.74 0.33
C PHE B 478 25.25 -17.48 1.43
N ASP B 479 25.52 -16.44 2.22
CA ASP B 479 24.61 -16.07 3.29
C ASP B 479 23.31 -15.51 2.72
N MET B 480 22.38 -15.20 3.63
CA MET B 480 21.04 -14.64 3.45
C MET B 480 20.59 -13.63 4.52
N PRO B 481 20.33 -12.39 4.13
CA PRO B 481 19.72 -11.44 5.07
C PRO B 481 18.23 -11.73 5.26
N GLY B 482 17.67 -11.17 6.35
CA GLY B 482 16.24 -11.18 6.60
C GLY B 482 15.76 -12.34 7.46
N PHE B 483 16.41 -13.49 7.38
CA PHE B 483 16.11 -14.61 8.25
C PHE B 483 17.37 -15.45 8.35
N LEU B 484 17.41 -16.29 9.37
CA LEU B 484 18.57 -17.13 9.65
C LEU B 484 18.40 -18.45 8.93
N VAL B 485 19.27 -18.70 7.94
CA VAL B 485 19.23 -19.95 7.19
C VAL B 485 19.33 -21.13 8.14
N SER B 486 19.97 -20.92 9.30
CA SER B 486 20.20 -22.00 10.25
C SER B 486 18.93 -22.44 10.96
N GLU B 487 17.89 -21.60 11.03
CA GLU B 487 16.65 -22.05 11.65
C GLU B 487 15.49 -22.20 10.67
N MET B 488 15.79 -22.27 9.36
CA MET B 488 14.79 -22.54 8.34
C MET B 488 14.07 -23.86 8.61
N LYS B 489 12.96 -24.06 7.91
CA LYS B 489 12.29 -25.35 8.00
C LYS B 489 12.79 -26.33 6.95
N TYR B 490 13.16 -25.83 5.77
CA TYR B 490 13.48 -26.67 4.62
C TYR B 490 14.93 -26.48 4.23
N LYS B 491 15.76 -27.50 4.49
CA LYS B 491 17.18 -27.48 4.14
C LYS B 491 17.56 -28.75 3.39
C1 EDO C . 8.60 -9.63 12.51
O1 EDO C . 9.82 -10.34 12.79
C2 EDO C . 7.42 -10.61 12.61
O2 EDO C . 7.25 -11.01 13.99
#